data_2VUG
#
_entry.id   2VUG
#
_cell.length_a   58.962
_cell.length_b   103.257
_cell.length_c   150.930
_cell.angle_alpha   90.00
_cell.angle_beta   90.00
_cell.angle_gamma   90.00
#
_symmetry.space_group_name_H-M   'P 21 21 21'
#
loop_
_entity.id
_entity.type
_entity.pdbx_description
1 polymer PAB1020
2 non-polymer 'PHOSPHOAMINOPHOSPHONIC ACID-ADENYLATE ESTER'
3 non-polymer (4S)-2-METHYL-2,4-PENTANEDIOL
4 non-polymer (4R)-2-METHYLPENTANE-2,4-DIOL
5 water water
#
_entity_poly.entity_id   1
_entity_poly.type   'polypeptide(L)'
_entity_poly.pdbx_seq_one_letter_code
;MHHHHHHMKEVVSSVYKEILVKLGLTEDRIETLEMKGGIIEDEFDGIRYVRFKDSAGKLRRGTVVIDEEYVIPGFPHIKR
IINLRSGIRRIFKRGEFYVEEKVDGYNVRVVMYKGKMLGITRGGFICPFTTERIPDFVPQEFFKDNPNLILVGEMAGPES
PYLVEGPPYVKEDIQFFLFDVQEIKTGRSLPVEERLKIAEEYGINHVEVFGKYTKDDVDELYQLIERLSKEGREGIIMKS
PDMKKIVKYVTPYANINDIKIGARVFYELPPGYFTSRISRLAFYLAEKRIKGEEFERVAKELGSALLQPFVESIFDVEQE
EDIHELFKVRVKRIETAYKMVTHFEKLGLKIEIVDIEEIKDGWRITFKRLYPDATNEIRELIGGKAFVD
;
_entity_poly.pdbx_strand_id   A,B
#
loop_
_chem_comp.id
_chem_comp.type
_chem_comp.name
_chem_comp.formula
ANP non-polymer 'PHOSPHOAMINOPHOSPHONIC ACID-ADENYLATE ESTER' 'C10 H17 N6 O12 P3'
MPD non-polymer (4S)-2-METHYL-2,4-PENTANEDIOL 'C6 H14 O2'
MRD non-polymer (4R)-2-METHYLPENTANE-2,4-DIOL 'C6 H14 O2'
#
# COMPACT_ATOMS: atom_id res chain seq x y z
N LYS A 17 -31.12 10.86 27.63
CA LYS A 17 -30.85 11.76 28.79
C LYS A 17 -29.72 12.74 28.46
N GLU A 18 -28.55 12.19 28.12
CA GLU A 18 -27.41 12.97 27.63
C GLU A 18 -27.72 13.49 26.23
N ILE A 19 -28.82 13.00 25.67
CA ILE A 19 -29.32 13.44 24.37
C ILE A 19 -29.76 14.92 24.45
N LEU A 20 -30.24 15.33 25.62
CA LEU A 20 -30.53 16.74 25.94
C LEU A 20 -29.25 17.55 26.14
N VAL A 21 -28.27 16.94 26.82
CA VAL A 21 -26.97 17.55 27.07
C VAL A 21 -26.26 17.87 25.75
N LYS A 22 -26.40 16.94 24.79
CA LYS A 22 -25.94 17.15 23.41
C LYS A 22 -26.70 18.29 22.72
N LEU A 23 -28.01 18.37 22.97
CA LEU A 23 -28.85 19.46 22.43
C LEU A 23 -28.41 20.83 22.94
N GLY A 24 -27.81 20.88 24.12
CA GLY A 24 -27.19 22.10 24.63
C GLY A 24 -26.07 22.59 23.72
N LEU A 25 -25.81 21.82 22.65
CA LEU A 25 -24.81 22.19 21.63
C LEU A 25 -25.28 22.01 20.17
N THR A 26 -25.87 20.86 19.84
CA THR A 26 -26.37 20.60 18.47
C THR A 26 -27.83 20.09 18.41
N GLU A 27 -28.33 19.81 17.20
CA GLU A 27 -29.77 19.58 16.94
C GLU A 27 -30.18 18.12 16.92
N ASP A 28 -31.33 17.84 16.29
CA ASP A 28 -31.77 16.47 16.03
C ASP A 28 -30.87 15.75 15.01
N ARG A 29 -29.84 16.46 14.53
CA ARG A 29 -28.76 15.83 13.76
C ARG A 29 -27.99 14.86 14.66
N ILE A 30 -28.17 15.02 15.97
CA ILE A 30 -27.80 14.03 16.98
C ILE A 30 -28.40 12.66 16.64
N GLU A 31 -29.63 12.68 16.12
CA GLU A 31 -30.30 11.47 15.66
C GLU A 31 -29.64 10.92 14.40
N THR A 32 -29.30 11.81 13.47
CA THR A 32 -28.52 11.44 12.29
C THR A 32 -27.18 10.81 12.72
N LEU A 33 -26.59 11.34 13.79
CA LEU A 33 -25.37 10.78 14.38
C LEU A 33 -25.55 9.39 14.99
N GLU A 34 -26.72 9.14 15.59
CA GLU A 34 -27.00 7.86 16.25
C GLU A 34 -26.91 6.70 15.27
N MET A 35 -26.78 7.02 13.98
CA MET A 35 -26.61 6.02 12.93
C MET A 35 -25.43 5.09 13.17
N LYS A 36 -24.21 5.65 13.17
CA LYS A 36 -23.01 4.83 13.18
C LYS A 36 -21.82 5.52 13.87
N GLY A 37 -21.96 5.84 15.16
CA GLY A 37 -20.88 6.44 15.93
C GLY A 37 -21.23 7.74 16.63
N GLY A 38 -20.63 7.94 17.80
CA GLY A 38 -21.01 9.04 18.69
C GLY A 38 -21.99 8.44 19.69
N ILE A 39 -21.46 7.70 20.66
CA ILE A 39 -22.26 6.75 21.44
C ILE A 39 -22.13 6.90 22.98
N ILE A 40 -23.04 6.23 23.70
CA ILE A 40 -23.13 6.24 25.19
C ILE A 40 -22.27 5.12 25.81
N GLU A 41 -21.80 5.33 27.05
CA GLU A 41 -21.09 4.30 27.84
C GLU A 41 -20.75 4.76 29.27
N ASP A 42 -20.60 3.79 30.18
CA ASP A 42 -20.18 4.03 31.58
C ASP A 42 -18.67 3.85 31.75
N GLU A 43 -18.11 4.36 32.83
CA GLU A 43 -16.66 4.50 32.98
C GLU A 43 -16.02 3.54 33.97
N PHE A 44 -14.70 3.70 34.13
CA PHE A 44 -13.85 2.96 35.08
C PHE A 44 -14.54 2.69 36.44
N ASP A 45 -15.26 3.70 36.94
CA ASP A 45 -16.15 3.53 38.08
C ASP A 45 -17.54 4.09 37.73
N GLY A 46 -18.15 3.50 36.70
CA GLY A 46 -19.53 3.79 36.31
C GLY A 46 -19.92 5.25 36.10
N ILE A 47 -19.05 6.04 35.48
CA ILE A 47 -19.33 7.45 35.20
C ILE A 47 -19.80 7.60 33.76
N ARG A 48 -21.10 7.52 33.54
CA ARG A 48 -21.63 7.52 32.17
C ARG A 48 -21.23 8.77 31.36
N TYR A 49 -20.87 8.55 30.11
CA TYR A 49 -20.41 9.61 29.19
C TYR A 49 -20.70 9.28 27.73
N VAL A 50 -20.63 10.29 26.88
CA VAL A 50 -20.82 10.09 25.44
C VAL A 50 -19.51 10.32 24.69
N ARG A 51 -19.13 9.33 23.89
CA ARG A 51 -17.92 9.37 23.11
C ARG A 51 -18.23 9.59 21.64
N PHE A 52 -17.63 10.63 21.06
CA PHE A 52 -17.76 10.89 19.63
C PHE A 52 -16.80 10.01 18.84
N LYS A 53 -17.34 8.96 18.23
CA LYS A 53 -16.57 8.08 17.34
C LYS A 53 -16.21 8.83 16.05
N ASP A 54 -17.21 9.42 15.41
CA ASP A 54 -16.98 10.24 14.23
C ASP A 54 -17.23 11.70 14.57
N SER A 55 -16.54 12.59 13.86
CA SER A 55 -16.61 14.04 14.14
C SER A 55 -17.77 14.72 13.44
N ALA A 56 -18.61 15.39 14.22
CA ALA A 56 -19.73 16.17 13.70
C ALA A 56 -19.69 17.60 14.24
N GLY A 57 -19.85 18.57 13.34
CA GLY A 57 -19.79 19.99 13.69
C GLY A 57 -18.42 20.42 14.14
N LYS A 58 -18.35 20.98 15.35
CA LYS A 58 -17.13 21.55 15.91
C LYS A 58 -16.50 20.62 16.94
N LEU A 59 -17.17 19.49 17.19
CA LEU A 59 -16.70 18.49 18.14
C LEU A 59 -15.98 17.39 17.38
N ARG A 60 -14.69 17.27 17.63
CA ARG A 60 -13.81 16.39 16.86
C ARG A 60 -13.99 14.91 17.17
N ARG A 61 -13.35 14.05 16.37
CA ARG A 61 -13.25 12.63 16.66
C ARG A 61 -12.62 12.46 18.04
N GLY A 62 -13.11 11.50 18.80
CA GLY A 62 -12.59 11.23 20.15
C GLY A 62 -13.01 12.19 21.25
N THR A 63 -13.97 13.07 20.94
CA THR A 63 -14.55 14.00 21.90
C THR A 63 -15.45 13.30 22.92
N VAL A 64 -15.17 13.55 24.20
CA VAL A 64 -15.92 12.96 25.30
C VAL A 64 -16.83 13.98 25.98
N VAL A 65 -18.07 13.57 26.24
CA VAL A 65 -19.04 14.38 26.98
C VAL A 65 -19.51 13.62 28.20
N ILE A 66 -19.24 14.16 29.39
CA ILE A 66 -19.70 13.57 30.63
C ILE A 66 -20.95 14.31 31.08
N ASP A 67 -20.93 15.62 30.91
CA ASP A 67 -22.09 16.49 31.06
C ASP A 67 -21.76 17.86 30.48
N GLU A 68 -22.78 18.68 30.29
CA GLU A 68 -22.68 19.98 29.61
C GLU A 68 -21.45 20.80 29.99
N GLU A 69 -21.02 20.68 31.25
CA GLU A 69 -19.91 21.45 31.76
C GLU A 69 -18.55 20.76 31.49
N TYR A 70 -18.53 19.43 31.62
CA TYR A 70 -17.34 18.61 31.36
C TYR A 70 -17.35 18.02 29.94
N VAL A 71 -16.82 18.78 28.99
CA VAL A 71 -16.73 18.34 27.58
C VAL A 71 -15.27 18.36 27.16
N ILE A 72 -14.66 17.18 27.15
CA ILE A 72 -13.24 17.01 26.81
C ILE A 72 -13.06 16.92 25.29
N PRO A 73 -12.60 18.01 24.66
CA PRO A 73 -12.48 17.96 23.20
C PRO A 73 -11.47 16.92 22.76
N GLY A 74 -11.65 16.42 21.55
CA GLY A 74 -10.71 15.46 20.96
C GLY A 74 -9.40 16.12 20.60
N PHE A 75 -8.32 15.35 20.69
CA PHE A 75 -7.04 15.86 20.26
C PHE A 75 -7.00 15.89 18.74
N PRO A 76 -6.70 17.07 18.15
CA PRO A 76 -6.71 17.21 16.70
C PRO A 76 -5.58 16.41 16.07
N HIS A 77 -5.64 16.27 14.75
CA HIS A 77 -4.52 15.75 13.99
C HIS A 77 -3.36 16.75 14.11
N ILE A 78 -2.14 16.26 14.00
CA ILE A 78 -1.01 17.15 13.88
C ILE A 78 -0.47 16.98 12.47
N LYS A 79 -0.42 18.07 11.71
CA LYS A 79 0.09 18.00 10.35
C LYS A 79 1.55 17.54 10.31
N ARG A 80 1.93 16.87 9.23
CA ARG A 80 3.26 16.33 9.08
C ARG A 80 4.01 17.07 8.00
N ILE A 81 5.32 17.20 8.18
CA ILE A 81 6.16 17.55 7.06
C ILE A 81 7.18 16.46 6.77
N ILE A 82 7.51 16.33 5.49
CA ILE A 82 8.32 15.27 4.94
C ILE A 82 9.69 15.81 4.56
N ASN A 83 9.73 17.08 4.17
CA ASN A 83 10.97 17.77 3.97
C ASN A 83 11.14 18.76 5.11
N LEU A 84 12.31 18.76 5.75
CA LEU A 84 12.49 19.52 6.97
C LEU A 84 12.79 21.00 6.73
N ARG A 85 13.71 21.29 5.80
CA ARG A 85 14.16 22.66 5.53
C ARG A 85 13.01 23.51 5.03
N SER A 86 12.34 23.06 3.99
CA SER A 86 11.02 23.58 3.61
C SER A 86 10.06 23.22 4.73
N GLY A 87 8.77 23.42 4.54
CA GLY A 87 7.84 23.08 5.61
C GLY A 87 8.09 23.92 6.85
N ILE A 88 9.27 23.78 7.43
CA ILE A 88 9.75 24.76 8.42
C ILE A 88 9.69 26.18 7.87
N ARG A 89 10.37 26.43 6.74
CA ARG A 89 10.28 27.74 6.09
C ARG A 89 8.83 28.05 5.74
N ARG A 90 8.09 27.06 5.26
CA ARG A 90 6.71 27.32 4.84
C ARG A 90 5.80 27.70 6.00
N ILE A 91 5.94 27.01 7.12
CA ILE A 91 5.04 27.20 8.26
C ILE A 91 5.55 28.29 9.19
N PHE A 92 6.82 28.24 9.56
CA PHE A 92 7.41 29.26 10.42
C PHE A 92 8.23 30.23 9.57
N LYS A 93 7.50 31.01 8.77
CA LYS A 93 8.12 31.87 7.77
C LYS A 93 9.43 32.45 8.32
N ARG A 94 9.32 33.42 9.21
CA ARG A 94 10.50 33.93 9.88
C ARG A 94 10.28 33.93 11.39
N GLY A 95 9.16 33.36 11.80
CA GLY A 95 8.79 33.18 13.20
C GLY A 95 9.79 32.37 14.04
N GLU A 96 9.45 32.22 15.31
CA GLU A 96 10.29 31.53 16.26
C GLU A 96 9.43 30.41 16.77
N PHE A 97 10.01 29.22 16.92
CA PHE A 97 9.23 28.04 17.32
C PHE A 97 9.98 27.16 18.33
N TYR A 98 9.21 26.51 19.21
CA TYR A 98 9.76 25.51 20.11
C TYR A 98 9.89 24.16 19.42
N VAL A 99 10.96 23.44 19.77
CA VAL A 99 11.20 22.10 19.26
C VAL A 99 11.16 21.09 20.43
N GLU A 100 10.10 20.31 20.46
CA GLU A 100 9.92 19.32 21.51
C GLU A 100 10.21 17.92 21.00
N GLU A 101 10.60 17.07 21.94
CA GLU A 101 10.67 15.65 21.71
C GLU A 101 9.29 15.06 21.36
N LYS A 102 9.22 14.34 20.24
CA LYS A 102 8.04 13.54 19.94
C LYS A 102 8.27 12.18 20.57
N VAL A 103 7.44 11.82 21.53
CA VAL A 103 7.64 10.61 22.32
C VAL A 103 6.68 9.54 21.79
N ASP A 104 7.22 8.37 21.47
CA ASP A 104 6.36 7.30 20.97
C ASP A 104 5.74 6.49 22.11
N GLY A 105 4.50 6.87 22.43
CA GLY A 105 3.69 6.13 23.37
C GLY A 105 2.28 6.25 22.89
N TYR A 106 1.34 6.48 23.80
CA TYR A 106 -0.02 6.71 23.35
C TYR A 106 -0.56 7.99 23.96
N ASN A 107 -1.47 8.60 23.22
CA ASN A 107 -2.05 9.89 23.56
C ASN A 107 -2.99 9.78 24.75
N VAL A 108 -2.79 10.63 25.75
CA VAL A 108 -3.63 10.62 26.96
C VAL A 108 -4.15 12.02 27.30
N ARG A 109 -5.46 12.10 27.55
CA ARG A 109 -6.09 13.33 28.07
C ARG A 109 -6.55 13.12 29.50
N VAL A 110 -6.13 14.01 30.38
CA VAL A 110 -6.33 13.85 31.82
C VAL A 110 -7.26 14.91 32.38
N VAL A 111 -8.37 14.47 32.98
CA VAL A 111 -9.26 15.37 33.72
C VAL A 111 -9.57 14.88 35.11
N MET A 112 -9.88 15.84 35.98
CA MET A 112 -10.42 15.58 37.30
C MET A 112 -11.93 15.62 37.25
N TYR A 113 -12.58 14.54 37.63
CA TYR A 113 -14.05 14.50 37.67
C TYR A 113 -14.57 14.01 39.01
N LYS A 114 -15.25 14.91 39.73
CA LYS A 114 -15.81 14.61 41.06
C LYS A 114 -14.78 13.92 41.94
N GLY A 115 -13.56 14.45 41.95
CA GLY A 115 -12.47 13.88 42.74
C GLY A 115 -11.73 12.72 42.08
N LYS A 116 -12.21 12.28 40.92
CA LYS A 116 -11.55 11.19 40.19
C LYS A 116 -10.67 11.71 39.05
N MET A 117 -9.44 11.21 38.99
CA MET A 117 -8.53 11.49 37.87
C MET A 117 -8.83 10.51 36.75
N LEU A 118 -8.97 11.03 35.54
CA LEU A 118 -9.33 10.23 34.38
C LEU A 118 -8.27 10.21 33.27
N GLY A 119 -8.08 9.04 32.67
CA GLY A 119 -7.19 8.89 31.51
C GLY A 119 -7.96 8.59 30.23
N ILE A 120 -8.13 9.60 29.38
CA ILE A 120 -8.88 9.44 28.15
C ILE A 120 -7.92 9.21 26.98
N THR A 121 -7.98 8.01 26.39
CA THR A 121 -7.13 7.68 25.24
C THR A 121 -7.66 8.37 23.99
N ARG A 122 -6.88 8.30 22.89
CA ARG A 122 -7.16 9.10 21.70
C ARG A 122 -8.60 8.98 21.21
N GLY A 123 -9.03 7.73 21.04
CA GLY A 123 -10.37 7.45 20.51
C GLY A 123 -11.53 8.04 21.29
N GLY A 124 -11.26 8.42 22.55
CA GLY A 124 -12.31 8.89 23.44
C GLY A 124 -12.72 7.83 24.46
N PHE A 125 -11.79 6.96 24.83
CA PHE A 125 -12.08 5.90 25.78
C PHE A 125 -11.49 6.22 27.14
N ILE A 126 -12.33 6.14 28.18
CA ILE A 126 -11.82 6.24 29.55
C ILE A 126 -11.17 4.90 29.84
N CYS A 127 -9.86 4.92 29.99
CA CYS A 127 -9.08 3.72 30.03
C CYS A 127 -8.72 3.37 31.45
N PRO A 128 -9.18 2.20 31.91
CA PRO A 128 -8.90 1.61 33.21
C PRO A 128 -7.42 1.75 33.60
N PHE A 129 -6.54 1.09 32.85
CA PHE A 129 -5.11 1.10 33.15
C PHE A 129 -4.55 2.50 33.33
N THR A 130 -4.78 3.35 32.33
CA THR A 130 -4.25 4.71 32.38
C THR A 130 -4.79 5.43 33.61
N THR A 131 -6.13 5.48 33.69
CA THR A 131 -6.87 6.01 34.83
C THR A 131 -6.26 5.58 36.16
N GLU A 132 -6.09 4.27 36.34
CA GLU A 132 -5.43 3.76 37.54
C GLU A 132 -4.05 4.36 37.75
N ARG A 133 -3.29 4.51 36.67
CA ARG A 133 -1.90 4.91 36.79
C ARG A 133 -1.61 6.42 36.87
N ILE A 134 -2.47 7.27 36.29
CA ILE A 134 -2.14 8.71 36.19
C ILE A 134 -1.69 9.34 37.51
N PRO A 135 -2.44 9.10 38.61
CA PRO A 135 -2.02 9.53 39.94
C PRO A 135 -0.51 9.44 40.20
N ASP A 136 0.17 8.42 39.67
CA ASP A 136 1.62 8.28 39.83
C ASP A 136 2.43 9.37 39.15
N PHE A 137 1.78 10.18 38.30
CA PHE A 137 2.51 11.09 37.41
C PHE A 137 2.02 12.52 37.47
N VAL A 138 0.75 12.66 37.86
CA VAL A 138 0.09 13.94 37.94
C VAL A 138 -0.42 14.13 39.37
N PRO A 139 0.03 15.20 40.05
CA PRO A 139 -0.45 15.44 41.41
C PRO A 139 -1.88 15.94 41.37
N GLN A 140 -2.65 15.51 42.38
CA GLN A 140 -4.05 15.89 42.53
C GLN A 140 -4.20 17.40 42.68
N GLU A 141 -3.29 17.99 43.45
CA GLU A 141 -3.20 19.44 43.64
C GLU A 141 -3.49 20.22 42.36
N PHE A 142 -2.92 19.79 41.25
CA PHE A 142 -3.05 20.50 39.97
C PHE A 142 -4.50 20.84 39.67
N PHE A 143 -5.37 19.84 39.75
CA PHE A 143 -6.76 20.01 39.36
C PHE A 143 -7.56 20.71 40.45
N LYS A 144 -7.18 20.46 41.69
CA LYS A 144 -7.68 21.20 42.83
C LYS A 144 -7.47 22.71 42.56
N ASP A 145 -6.30 23.08 42.05
CA ASP A 145 -6.03 24.46 41.63
C ASP A 145 -6.62 24.84 40.27
N ASN A 146 -6.76 23.86 39.38
CA ASN A 146 -7.20 24.13 38.02
C ASN A 146 -8.28 23.15 37.53
N PRO A 147 -9.54 23.38 37.96
CA PRO A 147 -10.65 22.52 37.57
C PRO A 147 -10.94 22.66 36.09
N ASN A 148 -10.72 23.84 35.53
CA ASN A 148 -11.06 24.11 34.13
C ASN A 148 -10.02 23.58 33.12
N LEU A 149 -8.94 22.97 33.62
CA LEU A 149 -7.84 22.53 32.76
C LEU A 149 -7.80 21.05 32.48
N ILE A 150 -7.31 20.72 31.28
CA ILE A 150 -6.97 19.35 30.89
C ILE A 150 -5.45 19.28 30.69
N LEU A 151 -4.85 18.16 31.06
CA LEU A 151 -3.48 17.86 30.66
C LEU A 151 -3.50 16.87 29.49
N VAL A 152 -2.70 17.14 28.48
CA VAL A 152 -2.52 16.19 27.37
C VAL A 152 -1.08 15.77 27.30
N GLY A 153 -0.85 14.47 27.20
CA GLY A 153 0.49 13.92 27.29
C GLY A 153 0.65 12.52 26.74
N GLU A 154 1.91 12.09 26.62
CA GLU A 154 2.21 10.78 26.07
C GLU A 154 2.58 9.83 27.19
N MET A 155 1.85 8.71 27.26
CA MET A 155 2.20 7.64 28.16
C MET A 155 3.12 6.69 27.39
N ALA A 156 4.31 6.47 27.91
CA ALA A 156 5.33 5.75 27.14
C ALA A 156 6.34 4.96 28.00
N GLY A 157 6.68 3.75 27.54
CA GLY A 157 7.61 2.86 28.24
C GLY A 157 7.53 1.41 27.79
N PRO A 158 8.43 0.54 28.32
CA PRO A 158 8.51 -0.87 27.97
C PRO A 158 7.27 -1.66 28.35
N GLU A 159 6.63 -1.30 29.46
CA GLU A 159 5.49 -2.07 29.94
C GLU A 159 4.17 -1.34 29.69
N SER A 160 3.85 -1.22 28.41
CA SER A 160 2.74 -0.41 27.92
C SER A 160 1.63 -1.30 27.37
N PRO A 161 0.38 -1.00 27.73
CA PRO A 161 -0.78 -1.71 27.19
C PRO A 161 -1.02 -1.53 25.68
N TYR A 162 -0.48 -0.47 25.07
CA TYR A 162 -0.72 -0.26 23.64
C TYR A 162 0.53 -0.46 22.78
N LEU A 163 1.22 0.62 22.45
CA LEU A 163 2.47 0.54 21.70
C LEU A 163 3.47 -0.52 22.22
N VAL A 164 4.17 -1.16 21.29
CA VAL A 164 5.15 -2.21 21.59
C VAL A 164 6.44 -1.67 22.25
N GLU A 165 6.90 -0.51 21.78
CA GLU A 165 8.18 0.07 22.20
C GLU A 165 7.92 1.48 22.69
N GLY A 166 8.99 2.13 23.14
CA GLY A 166 8.98 3.55 23.47
C GLY A 166 10.40 4.13 23.49
N PRO A 167 10.58 5.27 24.17
CA PRO A 167 11.91 5.87 24.30
C PRO A 167 12.86 4.89 24.98
N PRO A 168 14.08 4.70 24.43
CA PRO A 168 14.96 3.65 24.95
C PRO A 168 15.44 3.91 26.38
N TYR A 169 15.24 5.14 26.85
CA TYR A 169 15.79 5.58 28.12
C TYR A 169 14.82 5.36 29.30
N VAL A 170 13.55 5.11 28.97
CA VAL A 170 12.58 4.64 29.96
C VAL A 170 12.80 3.14 30.19
N LYS A 171 13.38 2.81 31.34
CA LYS A 171 13.83 1.44 31.57
C LYS A 171 12.77 0.47 32.12
N GLU A 172 11.96 0.91 33.08
CA GLU A 172 10.88 0.07 33.65
C GLU A 172 9.54 0.52 33.07
N ASP A 173 8.42 0.07 33.63
CA ASP A 173 7.07 0.35 33.08
C ASP A 173 6.83 1.80 32.72
N ILE A 174 5.75 2.05 31.99
CA ILE A 174 5.32 3.39 31.57
C ILE A 174 5.75 4.63 32.40
N GLN A 175 5.81 5.76 31.71
CA GLN A 175 6.10 7.06 32.28
C GLN A 175 5.18 8.04 31.53
N PHE A 176 4.86 9.18 32.15
CA PHE A 176 4.02 10.21 31.52
C PHE A 176 4.83 11.43 31.08
N PHE A 177 4.51 11.96 29.89
CA PHE A 177 5.22 13.13 29.34
C PHE A 177 4.21 14.17 28.84
N LEU A 178 4.17 15.32 29.49
CA LEU A 178 3.21 16.35 29.16
C LEU A 178 3.62 17.03 27.87
N PHE A 179 2.66 17.34 27.00
CA PHE A 179 2.94 18.18 25.80
C PHE A 179 1.86 19.21 25.46
N ASP A 180 0.75 19.19 26.17
CA ASP A 180 -0.25 20.23 26.03
C ASP A 180 -1.04 20.39 27.31
N VAL A 181 -1.45 21.63 27.57
CA VAL A 181 -2.48 21.94 28.57
C VAL A 181 -3.61 22.71 27.87
N GLN A 182 -4.83 22.21 28.02
CA GLN A 182 -5.99 22.85 27.39
C GLN A 182 -7.12 23.09 28.39
N GLU A 183 -7.87 24.18 28.22
CA GLU A 183 -9.05 24.42 29.05
C GLU A 183 -10.23 23.64 28.47
N ILE A 184 -11.25 23.37 29.27
CA ILE A 184 -12.35 22.46 28.84
C ILE A 184 -13.20 23.05 27.71
N LYS A 185 -14.50 22.75 27.67
CA LYS A 185 -15.38 23.15 26.53
C LYS A 185 -14.66 23.68 25.27
N THR A 186 -13.95 24.81 25.40
CA THR A 186 -13.22 25.41 24.27
C THR A 186 -12.16 24.48 23.68
N GLY A 187 -11.41 23.80 24.54
CA GLY A 187 -10.29 22.97 24.09
C GLY A 187 -9.10 23.80 23.64
N ARG A 188 -9.28 25.12 23.71
CA ARG A 188 -8.24 26.08 23.39
C ARG A 188 -6.93 25.70 24.10
N SER A 189 -5.82 25.89 23.42
CA SER A 189 -4.55 25.43 23.93
C SER A 189 -3.82 26.59 24.59
N LEU A 190 -3.22 26.35 25.79
CA LEU A 190 -2.43 27.37 26.48
C LEU A 190 -1.10 27.59 25.78
N PRO A 191 -0.53 28.79 25.88
CA PRO A 191 0.83 29.06 25.38
C PRO A 191 1.88 28.08 25.92
N VAL A 192 2.94 27.91 25.15
CA VAL A 192 4.03 27.00 25.50
C VAL A 192 4.66 27.36 26.87
N GLU A 193 4.96 28.64 27.05
CA GLU A 193 5.63 29.12 28.26
C GLU A 193 4.78 28.83 29.49
N GLU A 194 3.48 29.07 29.34
CA GLU A 194 2.52 28.85 30.40
C GLU A 194 2.47 27.37 30.82
N ARG A 195 2.43 26.46 29.83
CA ARG A 195 2.47 25.02 30.08
C ARG A 195 3.77 24.55 30.72
N LEU A 196 4.88 25.14 30.30
CA LEU A 196 6.16 24.83 30.92
C LEU A 196 6.21 25.22 32.38
N LYS A 197 5.57 26.34 32.75
CA LYS A 197 5.54 26.77 34.16
C LYS A 197 4.72 25.80 34.97
N ILE A 198 3.50 25.54 34.49
CA ILE A 198 2.65 24.50 35.08
C ILE A 198 3.46 23.23 35.35
N ALA A 199 4.10 22.69 34.30
CA ALA A 199 4.94 21.50 34.41
C ALA A 199 5.93 21.59 35.58
N GLU A 200 6.52 22.76 35.77
CA GLU A 200 7.52 22.94 36.81
C GLU A 200 6.90 23.22 38.16
N GLU A 201 5.81 23.99 38.16
CA GLU A 201 5.08 24.27 39.39
C GLU A 201 4.67 22.96 40.05
N TYR A 202 4.04 22.08 39.28
CA TYR A 202 3.37 20.90 39.88
C TYR A 202 4.20 19.62 39.78
N GLY A 203 5.37 19.74 39.16
CA GLY A 203 6.31 18.62 39.03
C GLY A 203 5.84 17.53 38.09
N ILE A 204 5.00 17.91 37.13
CA ILE A 204 4.57 16.99 36.08
C ILE A 204 5.70 16.80 35.08
N ASN A 205 6.00 15.55 34.75
CA ASN A 205 7.06 15.28 33.81
C ASN A 205 6.65 15.70 32.41
N HIS A 206 7.58 16.36 31.72
CA HIS A 206 7.28 16.99 30.46
C HIS A 206 8.20 16.45 29.35
N VAL A 207 7.69 16.43 28.12
CA VAL A 207 8.49 16.11 26.93
C VAL A 207 9.72 17.01 26.91
N GLU A 208 10.86 16.46 26.55
CA GLU A 208 12.05 17.29 26.45
C GLU A 208 11.82 18.46 25.51
N VAL A 209 12.30 19.63 25.91
CA VAL A 209 12.17 20.81 25.08
C VAL A 209 13.55 21.24 24.63
N PHE A 210 13.86 21.07 23.36
CA PHE A 210 15.23 21.31 22.91
C PHE A 210 15.60 22.79 22.80
N GLY A 211 14.60 23.65 22.63
CA GLY A 211 14.89 25.07 22.54
C GLY A 211 13.93 25.78 21.62
N LYS A 212 14.18 27.09 21.46
CA LYS A 212 13.47 27.91 20.50
C LYS A 212 14.41 28.12 19.32
N TYR A 213 13.83 27.98 18.13
CA TYR A 213 14.59 28.02 16.89
C TYR A 213 13.86 28.84 15.84
N THR A 214 14.57 29.20 14.78
CA THR A 214 14.01 29.86 13.62
C THR A 214 14.35 29.05 12.37
N LYS A 215 13.71 29.34 11.25
CA LYS A 215 14.06 28.72 9.98
C LYS A 215 15.58 28.76 9.71
N ASP A 216 16.27 29.70 10.37
CA ASP A 216 17.72 29.85 10.19
C ASP A 216 18.52 28.80 10.96
N ASP A 217 17.84 27.91 11.67
CA ASP A 217 18.50 26.90 12.50
C ASP A 217 18.43 25.45 11.97
N VAL A 218 18.05 25.32 10.69
CA VAL A 218 17.83 24.02 10.06
C VAL A 218 19.06 23.12 10.18
N ASP A 219 20.25 23.68 10.00
CA ASP A 219 21.47 22.90 10.14
C ASP A 219 21.61 22.23 11.50
N GLU A 220 21.53 22.97 12.59
CA GLU A 220 21.66 22.29 13.87
C GLU A 220 20.45 21.42 14.21
N LEU A 221 19.29 21.75 13.63
CA LEU A 221 18.11 20.87 13.68
C LEU A 221 18.35 19.54 12.97
N TYR A 222 19.03 19.56 11.82
CA TYR A 222 19.45 18.34 11.14
C TYR A 222 20.29 17.48 12.07
N GLN A 223 21.20 18.14 12.76
CA GLN A 223 22.06 17.45 13.69
C GLN A 223 21.24 16.81 14.81
N LEU A 224 20.18 17.48 15.23
CA LEU A 224 19.33 16.96 16.28
C LEU A 224 18.60 15.69 15.81
N ILE A 225 17.96 15.80 14.65
CA ILE A 225 17.29 14.69 14.03
C ILE A 225 18.27 13.56 13.85
N GLU A 226 19.53 13.88 13.58
CA GLU A 226 20.56 12.85 13.42
C GLU A 226 20.78 12.08 14.70
N ARG A 227 21.04 12.79 15.79
CA ARG A 227 21.28 12.18 17.09
C ARG A 227 20.08 11.36 17.53
N LEU A 228 18.90 11.99 17.54
CA LEU A 228 17.69 11.29 17.95
C LEU A 228 17.55 9.97 17.22
N SER A 229 17.86 9.99 15.92
CA SER A 229 17.74 8.81 15.05
C SER A 229 18.76 7.72 15.42
N LYS A 230 19.99 8.13 15.69
CA LYS A 230 21.04 7.21 16.09
C LYS A 230 20.67 6.60 17.42
N GLU A 231 19.83 7.29 18.18
CA GLU A 231 19.44 6.85 19.51
C GLU A 231 18.15 6.04 19.50
N GLY A 232 17.60 5.81 18.31
CA GLY A 232 16.35 5.09 18.16
C GLY A 232 15.15 5.82 18.76
N ARG A 233 15.05 7.12 18.51
CA ARG A 233 13.94 7.91 19.05
C ARG A 233 13.10 8.47 17.93
N GLU A 234 11.83 8.75 18.22
CA GLU A 234 10.81 9.07 17.23
C GLU A 234 11.12 10.28 16.30
N GLY A 235 11.32 11.44 16.92
CA GLY A 235 11.48 12.68 16.16
C GLY A 235 11.07 13.89 17.00
N ILE A 236 10.46 14.87 16.35
CA ILE A 236 10.21 16.16 16.97
C ILE A 236 8.88 16.74 16.57
N ILE A 237 8.35 17.58 17.45
CA ILE A 237 7.21 18.41 17.14
C ILE A 237 7.70 19.83 17.22
N MET A 238 7.25 20.63 16.25
CA MET A 238 7.53 22.04 16.22
C MET A 238 6.26 22.80 16.56
N LYS A 239 6.38 23.75 17.50
CA LYS A 239 5.24 24.54 18.00
C LYS A 239 5.53 26.05 18.05
N SER A 240 4.67 26.86 17.43
CA SER A 240 4.67 28.30 17.68
C SER A 240 4.33 28.53 19.17
N PRO A 241 4.93 29.56 19.80
CA PRO A 241 4.73 29.77 21.26
C PRO A 241 3.29 29.95 21.67
N ASP A 242 2.46 30.41 20.74
CA ASP A 242 1.03 30.60 20.97
C ASP A 242 0.23 29.34 20.64
N MET A 243 0.96 28.24 20.46
CA MET A 243 0.40 26.92 20.12
C MET A 243 -0.52 26.89 18.89
N LYS A 244 -0.39 27.88 18.01
CA LYS A 244 -1.23 27.91 16.82
C LYS A 244 -0.63 27.16 15.64
N LYS A 245 0.69 27.19 15.48
CA LYS A 245 1.34 26.41 14.42
C LYS A 245 2.01 25.16 14.99
N ILE A 246 1.57 23.99 14.54
CA ILE A 246 2.10 22.70 15.02
C ILE A 246 2.38 21.70 13.90
N VAL A 247 3.61 21.19 13.84
CA VAL A 247 3.98 20.21 12.83
C VAL A 247 4.89 19.09 13.35
N LYS A 248 4.63 17.85 12.93
CA LYS A 248 5.47 16.71 13.29
C LYS A 248 6.52 16.35 12.22
N TYR A 249 7.69 15.91 12.69
CA TYR A 249 8.70 15.36 11.80
C TYR A 249 9.42 14.21 12.49
N VAL A 250 9.30 13.01 11.92
CA VAL A 250 9.90 11.81 12.50
C VAL A 250 11.25 11.45 11.88
N THR A 251 12.04 10.75 12.68
CA THR A 251 13.39 10.37 12.30
C THR A 251 13.40 9.28 11.21
N PRO A 252 14.55 9.09 10.53
CA PRO A 252 14.68 7.91 9.68
C PRO A 252 14.38 6.65 10.48
N TYR A 253 14.93 6.60 11.70
CA TYR A 253 14.80 5.42 12.54
C TYR A 253 13.33 5.08 12.74
N ALA A 254 12.52 6.08 13.07
CA ALA A 254 11.10 5.81 13.33
C ALA A 254 10.45 5.16 12.12
N ASN A 255 10.82 5.66 10.94
CA ASN A 255 10.31 5.12 9.67
C ASN A 255 10.73 3.67 9.42
N ILE A 256 12.02 3.40 9.49
CA ILE A 256 12.48 2.03 9.33
C ILE A 256 11.89 1.14 10.45
N ASN A 257 12.03 1.56 11.70
CA ASN A 257 11.54 0.74 12.80
C ASN A 257 10.06 0.46 12.75
N ASP A 258 9.27 1.45 12.33
CA ASP A 258 7.83 1.24 12.20
C ASP A 258 7.55 0.14 11.20
N ILE A 259 8.39 0.09 10.16
CA ILE A 259 8.32 -0.94 9.13
C ILE A 259 8.71 -2.31 9.68
N LYS A 260 9.85 -2.37 10.38
CA LYS A 260 10.27 -3.61 11.05
C LYS A 260 9.15 -4.17 11.95
N ILE A 261 8.57 -3.32 12.81
CA ILE A 261 7.50 -3.73 13.73
C ILE A 261 6.29 -4.25 12.99
N GLY A 262 5.87 -3.56 11.94
CA GLY A 262 4.67 -3.91 11.22
C GLY A 262 4.81 -5.08 10.23
N ALA A 263 6.02 -5.31 9.75
CA ALA A 263 6.27 -6.39 8.78
C ALA A 263 5.93 -7.75 9.37
N ARG A 264 6.11 -7.87 10.68
CA ARG A 264 5.87 -9.12 11.41
C ARG A 264 4.38 -9.45 11.39
N VAL A 265 3.55 -8.42 11.27
CA VAL A 265 2.11 -8.58 11.16
C VAL A 265 1.63 -8.03 9.83
N PHE A 266 2.52 -8.05 8.85
CA PHE A 266 2.25 -7.48 7.52
C PHE A 266 0.78 -7.45 7.14
N TYR A 267 0.11 -8.58 7.17
CA TYR A 267 -1.28 -8.61 6.70
C TYR A 267 -2.31 -8.00 7.64
N GLU A 268 -1.87 -7.57 8.82
CA GLU A 268 -2.75 -6.90 9.78
C GLU A 268 -2.90 -5.42 9.47
N LEU A 269 -2.10 -4.93 8.53
CA LEU A 269 -1.94 -3.50 8.26
C LEU A 269 -2.30 -3.10 6.81
N PRO A 270 -2.80 -1.88 6.60
CA PRO A 270 -3.08 -1.41 5.26
C PRO A 270 -1.78 -1.17 4.49
N PRO A 271 -1.76 -1.43 3.16
CA PRO A 271 -0.51 -1.25 2.40
C PRO A 271 0.11 0.13 2.60
N GLY A 272 -0.75 1.14 2.75
CA GLY A 272 -0.31 2.52 2.98
C GLY A 272 0.59 2.73 4.18
N TYR A 273 0.46 1.86 5.17
CA TYR A 273 1.33 1.87 6.32
C TYR A 273 2.77 1.78 5.86
N PHE A 274 3.04 0.85 4.96
CA PHE A 274 4.40 0.61 4.48
C PHE A 274 4.90 1.66 3.49
N THR A 275 4.05 2.03 2.54
CA THR A 275 4.49 2.93 1.47
C THR A 275 4.78 4.32 2.01
N SER A 276 3.85 4.83 2.83
CA SER A 276 4.02 6.15 3.46
C SER A 276 5.43 6.29 4.05
N ARG A 277 5.86 5.28 4.80
CA ARG A 277 7.15 5.33 5.49
C ARG A 277 8.36 5.11 4.54
N ILE A 278 8.10 4.41 3.44
CA ILE A 278 9.06 4.34 2.34
C ILE A 278 9.26 5.76 1.75
N SER A 279 8.17 6.46 1.45
CA SER A 279 8.22 7.86 1.02
C SER A 279 9.13 8.66 1.91
N ARG A 280 8.78 8.66 3.19
CA ARG A 280 9.42 9.51 4.18
C ARG A 280 10.92 9.25 4.22
N LEU A 281 11.31 8.02 3.97
CA LEU A 281 12.71 7.71 3.86
C LEU A 281 13.32 8.30 2.61
N ALA A 282 12.62 8.14 1.48
CA ALA A 282 13.11 8.65 0.21
C ALA A 282 13.41 10.13 0.39
N PHE A 283 12.41 10.85 0.90
CA PHE A 283 12.54 12.29 1.06
C PHE A 283 13.68 12.70 1.99
N TYR A 284 13.83 11.97 3.10
CA TYR A 284 14.97 12.22 3.97
C TYR A 284 16.21 12.11 3.12
N LEU A 285 16.34 10.99 2.42
CA LEU A 285 17.54 10.71 1.63
C LEU A 285 17.80 11.80 0.58
N ALA A 286 16.73 12.23 -0.06
CA ALA A 286 16.83 13.28 -1.04
C ALA A 286 17.29 14.58 -0.38
N GLU A 287 16.57 15.02 0.66
CA GLU A 287 16.90 16.27 1.36
C GLU A 287 18.34 16.34 1.85
N LYS A 288 18.81 15.32 2.53
CA LYS A 288 20.19 15.33 3.02
C LYS A 288 21.20 14.96 1.94
N ARG A 289 20.73 14.70 0.72
CA ARG A 289 21.60 14.32 -0.40
C ARG A 289 22.56 13.20 -0.01
N ILE A 290 22.03 12.19 0.66
CA ILE A 290 22.84 11.06 1.08
C ILE A 290 23.10 10.18 -0.11
N LYS A 291 24.33 9.70 -0.23
CA LYS A 291 24.73 8.94 -1.41
C LYS A 291 25.81 7.94 -1.04
N GLY A 292 26.36 7.27 -2.06
CA GLY A 292 27.37 6.25 -1.86
C GLY A 292 26.97 5.22 -0.83
N GLU A 293 27.95 4.80 -0.03
CA GLU A 293 27.75 3.70 0.91
C GLU A 293 26.70 3.95 1.97
N GLU A 294 26.57 5.20 2.40
CA GLU A 294 25.58 5.51 3.40
C GLU A 294 24.20 5.23 2.83
N PHE A 295 24.03 5.48 1.53
CA PHE A 295 22.78 5.18 0.89
C PHE A 295 22.55 3.69 0.88
N GLU A 296 23.57 2.92 0.51
CA GLU A 296 23.49 1.47 0.43
C GLU A 296 23.00 0.92 1.77
N ARG A 297 23.66 1.37 2.85
CA ARG A 297 23.33 0.99 4.22
C ARG A 297 21.86 1.18 4.56
N VAL A 298 21.31 2.34 4.19
CA VAL A 298 19.90 2.60 4.43
C VAL A 298 18.99 1.72 3.57
N ALA A 299 19.34 1.54 2.29
CA ALA A 299 18.61 0.64 1.39
C ALA A 299 18.56 -0.80 1.94
N LYS A 300 19.66 -1.25 2.53
CA LYS A 300 19.73 -2.60 3.09
C LYS A 300 18.83 -2.69 4.30
N GLU A 301 18.82 -1.63 5.08
CA GLU A 301 18.01 -1.59 6.27
C GLU A 301 16.53 -1.49 5.96
N LEU A 302 16.18 -0.81 4.87
CA LEU A 302 14.80 -0.85 4.40
C LEU A 302 14.41 -2.28 4.01
N GLY A 303 15.29 -2.95 3.28
CA GLY A 303 15.06 -4.32 2.83
C GLY A 303 14.84 -5.28 3.99
N SER A 304 15.74 -5.24 4.98
CA SER A 304 15.62 -6.16 6.10
C SER A 304 14.41 -5.80 6.93
N ALA A 305 14.12 -4.52 7.08
CA ALA A 305 12.97 -4.21 7.88
C ALA A 305 11.68 -4.73 7.23
N LEU A 306 11.63 -4.77 5.90
CA LEU A 306 10.46 -5.25 5.18
C LEU A 306 10.40 -6.78 5.05
N LEU A 307 11.56 -7.43 5.06
CA LEU A 307 11.60 -8.84 4.73
C LEU A 307 11.71 -9.78 5.95
N GLN A 308 12.75 -9.56 6.77
CA GLN A 308 13.08 -10.45 7.85
C GLN A 308 11.92 -10.73 8.84
N PRO A 309 11.27 -9.69 9.39
CA PRO A 309 10.14 -10.03 10.24
C PRO A 309 9.08 -10.85 9.49
N PHE A 310 8.70 -10.40 8.29
CA PHE A 310 7.76 -11.12 7.41
C PHE A 310 8.15 -12.59 7.30
N VAL A 311 9.41 -12.85 6.94
CA VAL A 311 9.85 -14.21 6.71
C VAL A 311 9.74 -15.01 8.01
N GLU A 312 10.23 -14.43 9.11
CA GLU A 312 10.14 -15.09 10.41
C GLU A 312 8.70 -15.40 10.81
N SER A 313 7.78 -14.52 10.49
CA SER A 313 6.38 -14.81 10.70
C SER A 313 5.94 -15.97 9.82
N ILE A 314 6.59 -16.13 8.65
CA ILE A 314 6.19 -17.20 7.75
C ILE A 314 6.70 -18.53 8.28
N PHE A 315 7.96 -18.59 8.68
CA PHE A 315 8.50 -19.78 9.34
C PHE A 315 7.63 -20.16 10.54
N ASP A 316 7.07 -19.17 11.21
CA ASP A 316 6.31 -19.39 12.44
C ASP A 316 4.97 -20.05 12.17
N VAL A 317 4.15 -19.41 11.35
CA VAL A 317 2.90 -20.01 10.89
C VAL A 317 3.18 -21.43 10.40
N GLU A 318 4.31 -21.60 9.72
CA GLU A 318 4.70 -22.88 9.15
C GLU A 318 5.00 -23.92 10.21
N GLN A 319 5.66 -23.52 11.30
CA GLN A 319 5.90 -24.41 12.46
C GLN A 319 4.60 -24.59 13.26
N GLU A 320 3.50 -24.21 12.64
CA GLU A 320 2.17 -24.37 13.24
C GLU A 320 1.91 -23.43 14.42
N GLU A 321 2.94 -22.69 14.83
CA GLU A 321 2.80 -21.67 15.87
C GLU A 321 1.91 -20.51 15.38
N ASP A 322 1.35 -19.74 16.31
CA ASP A 322 0.53 -18.57 15.97
C ASP A 322 1.34 -17.29 15.97
N ILE A 323 0.87 -16.29 15.22
CA ILE A 323 1.50 -14.98 15.31
C ILE A 323 0.89 -14.25 16.52
N HIS A 324 1.74 -13.98 17.49
CA HIS A 324 1.31 -13.39 18.73
C HIS A 324 2.45 -12.56 19.26
N GLU A 325 2.16 -11.71 20.24
CA GLU A 325 3.22 -11.19 21.09
C GLU A 325 2.77 -11.11 22.52
N LEU A 326 3.75 -11.28 23.41
CA LEU A 326 3.54 -11.13 24.84
C LEU A 326 4.01 -9.74 25.28
N PHE A 327 3.14 -9.01 25.97
CA PHE A 327 3.50 -7.71 26.50
C PHE A 327 3.07 -7.55 27.95
N LYS A 328 3.82 -6.76 28.71
CA LYS A 328 3.58 -6.61 30.16
C LYS A 328 3.07 -5.23 30.60
N VAL A 329 2.33 -5.20 31.70
CA VAL A 329 1.96 -3.94 32.34
C VAL A 329 2.02 -4.13 33.85
N ARG A 330 2.13 -3.03 34.58
CA ARG A 330 2.05 -3.07 36.03
C ARG A 330 0.75 -2.42 36.51
N VAL A 331 0.10 -3.06 37.47
CA VAL A 331 -1.11 -2.48 38.04
C VAL A 331 -1.05 -2.45 39.56
N LYS A 332 -1.77 -1.49 40.12
CA LYS A 332 -2.09 -1.48 41.54
C LYS A 332 -3.12 -2.59 41.82
N ARG A 333 -4.25 -2.54 41.13
CA ARG A 333 -5.40 -3.37 41.46
C ARG A 333 -5.70 -4.46 40.39
N ILE A 334 -5.36 -5.70 40.72
CA ILE A 334 -5.56 -6.87 39.86
C ILE A 334 -6.88 -6.94 39.06
N GLU A 335 -7.95 -6.40 39.63
CA GLU A 335 -9.23 -6.41 38.93
C GLU A 335 -9.27 -5.45 37.75
N THR A 336 -8.33 -4.51 37.71
CA THR A 336 -8.26 -3.61 36.58
C THR A 336 -7.62 -4.27 35.37
N ALA A 337 -6.85 -5.33 35.64
CA ALA A 337 -6.33 -6.18 34.56
C ALA A 337 -7.49 -6.77 33.81
N TYR A 338 -8.42 -7.37 34.56
CA TYR A 338 -9.62 -7.94 33.97
C TYR A 338 -10.41 -6.88 33.24
N LYS A 339 -10.49 -5.71 33.87
CA LYS A 339 -11.16 -4.55 33.27
C LYS A 339 -10.54 -4.19 31.92
N MET A 340 -9.22 -4.37 31.81
CA MET A 340 -8.52 -4.13 30.55
C MET A 340 -8.97 -5.10 29.47
N VAL A 341 -9.06 -6.38 29.83
CA VAL A 341 -9.48 -7.39 28.86
C VAL A 341 -10.82 -7.03 28.25
N THR A 342 -11.73 -6.52 29.07
CA THR A 342 -13.03 -6.06 28.57
C THR A 342 -12.90 -4.80 27.71
N HIS A 343 -12.00 -3.89 28.13
CA HIS A 343 -11.76 -2.65 27.39
C HIS A 343 -11.10 -2.94 26.05
N PHE A 344 -10.08 -3.80 26.06
CA PHE A 344 -9.50 -4.32 24.83
C PHE A 344 -10.55 -4.93 23.91
N GLU A 345 -11.43 -5.75 24.48
CA GLU A 345 -12.53 -6.36 23.74
C GLU A 345 -13.35 -5.35 22.93
N LYS A 346 -13.45 -4.12 23.44
CA LYS A 346 -14.10 -3.02 22.71
C LYS A 346 -13.32 -2.66 21.44
N LEU A 347 -12.24 -3.39 21.16
CA LEU A 347 -11.35 -3.16 20.04
C LEU A 347 -10.77 -4.52 19.57
N GLY A 348 -9.65 -4.93 20.16
CA GLY A 348 -8.97 -6.20 19.84
C GLY A 348 -9.28 -7.34 20.81
N LEU A 349 -8.45 -8.39 20.75
CA LEU A 349 -8.69 -9.64 21.49
C LEU A 349 -7.43 -10.13 22.23
N LYS A 350 -7.41 -9.96 23.55
CA LYS A 350 -6.24 -10.28 24.38
C LYS A 350 -6.60 -11.16 25.57
N ILE A 351 -5.69 -12.04 25.99
CA ILE A 351 -5.91 -12.84 27.21
C ILE A 351 -4.74 -12.71 28.18
N GLU A 352 -5.00 -13.00 29.47
CA GLU A 352 -3.99 -13.02 30.55
C GLU A 352 -3.15 -14.29 30.51
N ILE A 353 -1.92 -14.20 31.00
CA ILE A 353 -0.99 -15.31 30.89
C ILE A 353 -0.24 -15.59 32.19
N VAL A 354 0.31 -14.57 32.82
CA VAL A 354 0.93 -14.72 34.14
C VAL A 354 0.71 -13.46 34.98
N ASP A 355 0.47 -13.69 36.27
CA ASP A 355 0.53 -12.61 37.27
C ASP A 355 1.75 -12.81 38.14
N ILE A 356 2.61 -11.81 38.18
CA ILE A 356 3.67 -11.79 39.14
C ILE A 356 3.19 -10.75 40.12
N GLU A 357 2.69 -11.22 41.27
CA GLU A 357 2.36 -10.33 42.38
C GLU A 357 3.66 -9.79 42.90
N GLU A 358 4.74 -10.54 42.64
CA GLU A 358 6.08 -10.24 43.16
C GLU A 358 6.54 -8.81 42.82
N ILE A 359 5.59 -7.88 42.76
CA ILE A 359 5.86 -6.49 42.51
C ILE A 359 5.36 -5.69 43.70
N LYS A 360 6.27 -4.89 44.27
CA LYS A 360 5.90 -3.92 45.29
C LYS A 360 4.71 -3.11 44.80
N ASP A 361 3.75 -2.89 45.69
CA ASP A 361 2.57 -2.07 45.39
C ASP A 361 1.73 -2.59 44.22
N GLY A 362 1.93 -3.86 43.85
CA GLY A 362 1.07 -4.47 42.85
C GLY A 362 1.59 -5.68 42.12
N TRP A 363 1.21 -5.77 40.85
CA TRP A 363 1.37 -6.97 40.06
C TRP A 363 1.87 -6.63 38.66
N ARG A 364 2.82 -7.43 38.15
CA ARG A 364 3.21 -7.36 36.75
C ARG A 364 2.41 -8.38 36.00
N ILE A 365 1.67 -7.91 35.00
CA ILE A 365 0.73 -8.76 34.28
C ILE A 365 1.17 -8.96 32.84
N THR A 366 1.31 -10.24 32.45
CA THR A 366 1.66 -10.58 31.08
C THR A 366 0.42 -10.86 30.24
N PHE A 367 0.20 -10.07 29.21
CA PHE A 367 -0.92 -10.31 28.27
C PHE A 367 -0.45 -11.02 27.01
N LYS A 368 -1.40 -11.62 26.29
CA LYS A 368 -1.10 -12.20 24.99
C LYS A 368 -2.01 -11.61 23.93
N ARG A 369 -1.41 -10.99 22.91
CA ARG A 369 -2.18 -10.57 21.74
C ARG A 369 -2.00 -11.52 20.57
N LEU A 370 -3.11 -11.89 19.96
CA LEU A 370 -3.09 -12.74 18.78
C LEU A 370 -3.35 -11.94 17.52
N TYR A 371 -2.80 -12.42 16.42
CA TYR A 371 -3.02 -11.81 15.13
C TYR A 371 -3.63 -12.87 14.24
N PRO A 372 -4.96 -12.91 14.20
CA PRO A 372 -5.62 -13.97 13.45
C PRO A 372 -5.39 -13.77 11.95
N ASP A 373 -5.74 -12.59 11.44
CA ASP A 373 -5.62 -12.30 10.01
C ASP A 373 -4.22 -12.56 9.46
N ALA A 374 -3.20 -12.01 10.10
CA ALA A 374 -1.82 -12.28 9.67
C ALA A 374 -1.57 -13.78 9.58
N THR A 375 -1.99 -14.51 10.61
CA THR A 375 -1.74 -15.94 10.71
C THR A 375 -2.53 -16.74 9.66
N ASN A 376 -3.75 -16.30 9.37
CA ASN A 376 -4.62 -17.00 8.43
C ASN A 376 -4.24 -16.81 6.96
N GLU A 377 -3.96 -15.57 6.59
CA GLU A 377 -3.46 -15.26 5.27
C GLU A 377 -2.16 -15.97 4.94
N ILE A 378 -1.16 -15.89 5.83
CA ILE A 378 0.10 -16.57 5.59
C ILE A 378 -0.15 -18.06 5.47
N ARG A 379 -1.03 -18.57 6.33
CA ARG A 379 -1.42 -20.01 6.36
C ARG A 379 -1.92 -20.46 4.99
N GLU A 380 -2.97 -19.82 4.50
CA GLU A 380 -3.55 -20.14 3.21
C GLU A 380 -2.53 -20.05 2.09
N LEU A 381 -1.72 -18.99 2.13
CA LEU A 381 -0.74 -18.73 1.09
C LEU A 381 0.33 -19.80 1.03
N ILE A 382 1.00 -20.08 2.15
CA ILE A 382 1.97 -21.19 2.17
C ILE A 382 1.32 -22.55 1.91
N GLY A 383 0.02 -22.62 2.15
CA GLY A 383 -0.77 -23.80 1.81
C GLY A 383 -1.03 -23.90 0.31
N GLY A 384 -0.42 -23.02 -0.46
CA GLY A 384 -0.57 -23.03 -1.90
C GLY A 384 -1.83 -22.43 -2.49
N LYS A 385 -2.51 -21.55 -1.76
CA LYS A 385 -3.70 -20.91 -2.33
C LYS A 385 -3.39 -20.24 -3.66
N ALA A 386 -4.27 -20.41 -4.63
CA ALA A 386 -4.20 -19.66 -5.86
C ALA A 386 -5.26 -18.56 -5.79
N PHE A 387 -4.92 -17.35 -6.22
CA PHE A 387 -5.85 -16.23 -6.11
C PHE A 387 -5.65 -15.21 -7.24
N VAL A 388 -6.60 -14.29 -7.40
CA VAL A 388 -6.44 -13.17 -8.33
C VAL A 388 -5.92 -11.91 -7.61
N ASP A 389 -5.24 -11.06 -8.37
CA ASP A 389 -4.55 -9.91 -7.76
C ASP A 389 -5.51 -8.78 -7.43
N LYS B 17 -28.87 0.07 -31.82
CA LYS B 17 -28.80 -0.89 -32.97
C LYS B 17 -28.14 -2.20 -32.55
N GLU B 18 -26.91 -2.08 -32.03
CA GLU B 18 -26.20 -3.19 -31.40
C GLU B 18 -26.85 -3.53 -30.07
N ILE B 19 -27.78 -2.68 -29.65
CA ILE B 19 -28.57 -2.88 -28.45
C ILE B 19 -29.49 -4.11 -28.63
N LEU B 20 -29.89 -4.37 -29.87
CA LEU B 20 -30.63 -5.60 -30.26
C LEU B 20 -29.70 -6.82 -30.30
N VAL B 21 -28.50 -6.59 -30.81
CA VAL B 21 -27.47 -7.63 -30.91
C VAL B 21 -27.11 -8.13 -29.51
N LYS B 22 -27.02 -7.20 -28.55
CA LYS B 22 -26.87 -7.51 -27.13
C LYS B 22 -28.06 -8.29 -26.58
N LEU B 23 -29.27 -7.92 -27.01
CA LEU B 23 -30.51 -8.62 -26.62
C LEU B 23 -30.52 -10.09 -27.09
N GLY B 24 -29.83 -10.37 -28.20
CA GLY B 24 -29.59 -11.74 -28.65
C GLY B 24 -28.86 -12.55 -27.60
N LEU B 25 -28.53 -11.94 -26.46
CA LEU B 25 -27.86 -12.60 -25.34
C LEU B 25 -28.42 -12.22 -23.96
N THR B 26 -28.63 -10.93 -23.69
CA THR B 26 -29.19 -10.49 -22.38
C THR B 26 -30.35 -9.49 -22.50
N GLU B 27 -30.86 -9.02 -21.36
CA GLU B 27 -32.15 -8.30 -21.28
C GLU B 27 -32.03 -6.77 -21.29
N ASP B 28 -33.08 -6.09 -20.83
CA ASP B 28 -33.04 -4.64 -20.62
C ASP B 28 -32.09 -4.27 -19.47
N ARG B 29 -31.46 -5.29 -18.87
CA ARG B 29 -30.34 -5.08 -17.95
C ARG B 29 -29.17 -4.46 -18.72
N ILE B 30 -29.23 -4.55 -20.04
CA ILE B 30 -28.38 -3.79 -20.97
C ILE B 30 -28.49 -2.29 -20.67
N GLU B 31 -29.72 -1.86 -20.34
CA GLU B 31 -29.98 -0.48 -19.93
C GLU B 31 -29.33 -0.17 -18.58
N THR B 32 -29.43 -1.10 -17.63
CA THR B 32 -28.75 -0.99 -16.34
C THR B 32 -27.24 -0.88 -16.56
N LEU B 33 -26.74 -1.60 -17.56
CA LEU B 33 -25.33 -1.53 -17.96
C LEU B 33 -24.93 -0.18 -18.56
N GLU B 34 -25.85 0.43 -19.31
CA GLU B 34 -25.57 1.73 -19.95
C GLU B 34 -25.20 2.81 -18.93
N MET B 35 -25.38 2.49 -17.65
CA MET B 35 -25.00 3.38 -16.55
C MET B 35 -23.54 3.83 -16.60
N LYS B 36 -22.62 2.89 -16.47
CA LYS B 36 -21.21 3.24 -16.31
C LYS B 36 -20.25 2.17 -16.84
N GLY B 37 -20.33 1.88 -18.15
CA GLY B 37 -19.42 0.90 -18.76
C GLY B 37 -20.10 -0.21 -19.53
N GLY B 38 -19.46 -0.66 -20.60
CA GLY B 38 -20.09 -1.55 -21.57
C GLY B 38 -20.66 -0.69 -22.66
N ILE B 39 -19.79 -0.16 -23.53
CA ILE B 39 -20.10 0.99 -24.41
C ILE B 39 -19.82 0.77 -25.90
N ILE B 40 -20.32 1.70 -26.74
CA ILE B 40 -20.19 1.66 -28.22
C ILE B 40 -18.89 2.37 -28.71
N GLU B 41 -18.38 1.98 -29.88
CA GLU B 41 -17.25 2.67 -30.53
C GLU B 41 -16.88 2.11 -31.92
N ASP B 42 -16.28 2.95 -32.78
CA ASP B 42 -15.82 2.52 -34.10
C ASP B 42 -14.34 2.18 -34.05
N GLU B 43 -13.86 1.47 -35.09
CA GLU B 43 -12.54 0.84 -35.05
C GLU B 43 -11.47 1.47 -35.94
N PHE B 44 -10.27 0.88 -35.89
CA PHE B 44 -9.11 1.27 -36.69
C PHE B 44 -9.46 1.74 -38.12
N ASP B 45 -10.42 1.05 -38.74
CA ASP B 45 -11.03 1.48 -39.99
C ASP B 45 -12.54 1.42 -39.83
N GLY B 46 -13.05 2.19 -38.87
CA GLY B 46 -14.48 2.41 -38.69
C GLY B 46 -15.37 1.18 -38.59
N ILE B 47 -14.92 0.18 -37.83
CA ILE B 47 -15.72 -1.03 -37.64
C ILE B 47 -16.41 -0.97 -36.28
N ARG B 48 -17.62 -0.43 -36.23
CA ARG B 48 -18.30 -0.22 -34.96
C ARG B 48 -18.48 -1.52 -34.16
N TYR B 49 -18.25 -1.41 -32.85
CA TYR B 49 -18.30 -2.54 -31.92
C TYR B 49 -18.64 -2.08 -30.49
N VAL B 50 -19.04 -3.03 -29.66
CA VAL B 50 -19.36 -2.75 -28.26
C VAL B 50 -18.32 -3.41 -27.35
N ARG B 51 -17.75 -2.60 -26.49
CA ARG B 51 -16.74 -3.04 -25.55
C ARG B 51 -17.31 -3.10 -24.15
N PHE B 52 -17.24 -4.26 -23.52
CA PHE B 52 -17.62 -4.42 -22.12
C PHE B 52 -16.53 -3.91 -21.19
N LYS B 53 -16.73 -2.72 -20.63
CA LYS B 53 -15.83 -2.15 -19.64
C LYS B 53 -15.93 -2.94 -18.33
N ASP B 54 -17.16 -3.17 -17.86
CA ASP B 54 -17.39 -3.98 -16.66
C ASP B 54 -18.08 -5.28 -17.07
N SER B 55 -17.84 -6.34 -16.30
CA SER B 55 -18.38 -7.67 -16.62
C SER B 55 -19.80 -7.87 -16.11
N ALA B 56 -20.70 -8.24 -17.02
CA ALA B 56 -22.08 -8.55 -16.68
C ALA B 56 -22.49 -9.92 -17.24
N GLY B 57 -23.11 -10.74 -16.38
CA GLY B 57 -23.50 -12.09 -16.74
C GLY B 57 -22.31 -13.00 -17.00
N LYS B 58 -22.29 -13.59 -18.20
CA LYS B 58 -21.28 -14.57 -18.60
C LYS B 58 -20.22 -13.93 -19.51
N LEU B 59 -20.43 -12.65 -19.83
CA LEU B 59 -19.52 -11.90 -20.68
C LEU B 59 -18.56 -11.11 -19.80
N ARG B 60 -17.29 -11.47 -19.87
CA ARG B 60 -16.27 -10.93 -18.97
C ARG B 60 -15.86 -9.49 -19.28
N ARG B 61 -15.10 -8.88 -18.37
CA ARG B 61 -14.44 -7.61 -18.61
C ARG B 61 -13.62 -7.72 -19.88
N GLY B 62 -13.63 -6.66 -20.70
CA GLY B 62 -12.85 -6.62 -21.92
C GLY B 62 -13.45 -7.34 -23.11
N THR B 63 -14.69 -7.81 -22.95
CA THR B 63 -15.42 -8.52 -24.02
C THR B 63 -15.85 -7.55 -25.13
N VAL B 64 -15.54 -7.92 -26.36
CA VAL B 64 -15.87 -7.11 -27.52
C VAL B 64 -16.99 -7.79 -28.32
N VAL B 65 -17.97 -6.98 -28.76
CA VAL B 65 -19.02 -7.45 -29.64
C VAL B 65 -19.03 -6.60 -30.90
N ILE B 66 -18.79 -7.23 -32.04
CA ILE B 66 -18.85 -6.54 -33.33
C ILE B 66 -20.21 -6.80 -33.95
N ASP B 67 -20.68 -8.04 -33.80
CA ASP B 67 -22.03 -8.45 -34.15
C ASP B 67 -22.30 -9.83 -33.57
N GLU B 68 -23.58 -10.23 -33.55
CA GLU B 68 -24.03 -11.45 -32.90
C GLU B 68 -23.12 -12.67 -33.12
N GLU B 69 -22.52 -12.74 -34.31
CA GLU B 69 -21.67 -13.85 -34.69
C GLU B 69 -20.21 -13.66 -34.25
N TYR B 70 -19.72 -12.42 -34.35
CA TYR B 70 -18.37 -12.05 -33.91
C TYR B 70 -18.36 -11.48 -32.49
N VAL B 71 -18.27 -12.36 -31.49
CA VAL B 71 -18.20 -11.99 -30.07
C VAL B 71 -16.88 -12.51 -29.44
N ILE B 72 -15.91 -11.60 -29.30
CA ILE B 72 -14.59 -11.95 -28.79
C ILE B 72 -14.57 -11.89 -27.26
N PRO B 73 -14.63 -13.05 -26.59
CA PRO B 73 -14.72 -13.00 -25.13
C PRO B 73 -13.49 -12.34 -24.52
N GLY B 74 -13.64 -11.82 -23.31
CA GLY B 74 -12.52 -11.21 -22.59
C GLY B 74 -11.57 -12.27 -22.09
N PHE B 75 -10.28 -11.96 -22.04
CA PHE B 75 -9.34 -12.90 -21.45
C PHE B 75 -9.52 -12.89 -19.93
N PRO B 76 -9.72 -14.08 -19.34
CA PRO B 76 -9.99 -14.20 -17.92
C PRO B 76 -8.77 -13.85 -17.09
N HIS B 77 -8.96 -13.68 -15.79
CA HIS B 77 -7.85 -13.58 -14.87
C HIS B 77 -7.10 -14.91 -14.82
N ILE B 78 -5.81 -14.86 -14.56
CA ILE B 78 -5.08 -16.09 -14.31
C ILE B 78 -4.68 -16.09 -12.85
N LYS B 79 -5.14 -17.08 -12.10
CA LYS B 79 -4.83 -17.13 -10.68
C LYS B 79 -3.32 -17.23 -10.44
N ARG B 80 -2.89 -16.76 -9.27
CA ARG B 80 -1.48 -16.68 -8.96
C ARG B 80 -1.19 -17.59 -7.79
N ILE B 81 -0.01 -18.21 -7.80
CA ILE B 81 0.52 -18.80 -6.59
C ILE B 81 1.83 -18.12 -6.15
N ILE B 82 1.99 -18.08 -4.83
CA ILE B 82 3.03 -17.33 -4.13
C ILE B 82 4.05 -18.32 -3.60
N ASN B 83 3.57 -19.49 -3.19
CA ASN B 83 4.44 -20.60 -2.86
C ASN B 83 4.41 -21.62 -3.99
N LEU B 84 5.59 -21.98 -4.49
CA LEU B 84 5.66 -22.80 -5.69
C LEU B 84 5.42 -24.31 -5.47
N ARG B 85 6.02 -24.91 -4.42
CA ARG B 85 5.92 -26.34 -4.14
C ARG B 85 4.49 -26.75 -3.82
N SER B 86 3.87 -26.06 -2.87
CA SER B 86 2.43 -26.11 -2.70
C SER B 86 1.81 -25.44 -3.91
N GLY B 87 0.51 -25.22 -3.92
CA GLY B 87 -0.09 -24.54 -5.06
C GLY B 87 0.01 -25.43 -6.28
N ILE B 88 1.26 -25.79 -6.66
CA ILE B 88 1.49 -26.87 -7.62
C ILE B 88 0.85 -28.17 -7.13
N ARG B 89 1.25 -28.64 -5.96
CA ARG B 89 0.59 -29.82 -5.37
C ARG B 89 -0.90 -29.57 -5.18
N ARG B 90 -1.28 -28.37 -4.78
CA ARG B 90 -2.70 -28.11 -4.56
C ARG B 90 -3.49 -28.21 -5.86
N ILE B 91 -2.96 -27.65 -6.94
CA ILE B 91 -3.74 -27.51 -8.17
C ILE B 91 -3.53 -28.73 -9.06
N PHE B 92 -2.29 -29.14 -9.22
CA PHE B 92 -1.98 -30.28 -10.05
C PHE B 92 -1.67 -31.42 -9.12
N LYS B 93 -2.72 -31.89 -8.45
CA LYS B 93 -2.61 -32.89 -7.38
C LYS B 93 -1.57 -33.93 -7.76
N ARG B 94 -1.92 -34.76 -8.74
CA ARG B 94 -0.95 -35.70 -9.27
C ARG B 94 -0.99 -35.71 -10.79
N GLY B 95 -1.79 -34.81 -11.37
CA GLY B 95 -1.77 -34.60 -12.80
C GLY B 95 -0.41 -34.31 -13.45
N GLU B 96 -0.46 -34.02 -14.74
CA GLU B 96 0.69 -33.61 -15.52
C GLU B 96 0.37 -32.23 -16.11
N PHE B 97 1.36 -31.34 -16.17
CA PHE B 97 1.12 -29.97 -16.63
C PHE B 97 2.24 -29.40 -17.52
N TYR B 98 1.85 -28.53 -18.46
CA TYR B 98 2.81 -27.80 -19.28
C TYR B 98 3.34 -26.57 -18.53
N VAL B 99 4.61 -26.27 -18.73
CA VAL B 99 5.19 -25.07 -18.16
C VAL B 99 5.65 -24.16 -19.27
N GLU B 100 4.96 -23.04 -19.44
CA GLU B 100 5.30 -22.08 -20.46
C GLU B 100 5.99 -20.87 -19.87
N GLU B 101 6.73 -20.19 -20.74
CA GLU B 101 7.31 -18.91 -20.43
C GLU B 101 6.21 -17.89 -20.27
N LYS B 102 6.21 -17.18 -19.14
CA LYS B 102 5.36 -16.00 -18.98
C LYS B 102 6.16 -14.83 -19.50
N VAL B 103 5.67 -14.24 -20.60
CA VAL B 103 6.39 -13.18 -21.33
C VAL B 103 5.80 -11.82 -20.90
N ASP B 104 6.67 -10.88 -20.54
CA ASP B 104 6.18 -9.59 -20.09
C ASP B 104 6.03 -8.62 -21.26
N GLY B 105 4.84 -8.62 -21.82
CA GLY B 105 4.45 -7.60 -22.77
C GLY B 105 3.03 -7.20 -22.48
N TYR B 106 2.21 -7.15 -23.51
CA TYR B 106 0.82 -6.90 -23.30
C TYR B 106 -0.04 -7.93 -24.01
N ASN B 107 -1.21 -8.20 -23.42
CA ASN B 107 -2.17 -9.18 -23.89
C ASN B 107 -2.88 -8.73 -25.17
N VAL B 108 -2.84 -9.59 -26.18
CA VAL B 108 -3.44 -9.29 -27.48
C VAL B 108 -4.37 -10.43 -27.90
N ARG B 109 -5.57 -10.07 -28.35
CA ARG B 109 -6.49 -11.02 -28.96
C ARG B 109 -6.63 -10.69 -30.44
N VAL B 110 -6.42 -11.70 -31.27
CA VAL B 110 -6.37 -11.51 -32.71
C VAL B 110 -7.55 -12.19 -33.42
N VAL B 111 -8.32 -11.41 -34.17
CA VAL B 111 -9.37 -11.96 -35.03
C VAL B 111 -9.33 -11.44 -36.45
N MET B 112 -9.90 -12.22 -37.35
CA MET B 112 -10.08 -11.82 -38.73
C MET B 112 -11.50 -11.33 -38.89
N TYR B 113 -11.66 -10.08 -39.31
CA TYR B 113 -12.99 -9.53 -39.57
C TYR B 113 -13.11 -8.92 -40.98
N LYS B 114 -14.00 -9.51 -41.78
CA LYS B 114 -14.21 -9.10 -43.17
C LYS B 114 -12.89 -8.84 -43.90
N GLY B 115 -11.95 -9.76 -43.72
CA GLY B 115 -10.64 -9.66 -44.34
C GLY B 115 -9.64 -8.81 -43.58
N LYS B 116 -10.08 -8.21 -42.47
CA LYS B 116 -9.19 -7.38 -41.64
C LYS B 116 -8.73 -8.12 -40.39
N MET B 117 -7.41 -8.11 -40.17
CA MET B 117 -6.82 -8.66 -38.95
C MET B 117 -6.88 -7.60 -37.85
N LEU B 118 -7.33 -8.02 -36.67
CA LEU B 118 -7.58 -7.10 -35.57
C LEU B 118 -6.75 -7.46 -34.34
N GLY B 119 -6.30 -6.42 -33.62
CA GLY B 119 -5.55 -6.59 -32.37
C GLY B 119 -6.31 -6.00 -31.19
N ILE B 120 -7.00 -6.86 -30.45
CA ILE B 120 -7.77 -6.41 -29.31
C ILE B 120 -6.95 -6.51 -28.01
N THR B 121 -6.65 -5.36 -27.41
CA THR B 121 -5.91 -5.30 -26.16
C THR B 121 -6.80 -5.69 -25.00
N ARG B 122 -6.22 -5.86 -23.81
CA ARG B 122 -6.91 -6.50 -22.70
C ARG B 122 -8.24 -5.85 -22.39
N GLY B 123 -8.23 -4.53 -22.26
CA GLY B 123 -9.42 -3.77 -21.89
C GLY B 123 -10.59 -3.92 -22.85
N GLY B 124 -10.32 -4.36 -24.07
CA GLY B 124 -11.36 -4.49 -25.08
C GLY B 124 -11.24 -3.41 -26.13
N PHE B 125 -10.02 -2.97 -26.38
CA PHE B 125 -9.76 -1.90 -27.31
C PHE B 125 -9.14 -2.42 -28.60
N ILE B 126 -9.78 -2.14 -29.74
CA ILE B 126 -9.14 -2.40 -31.02
C ILE B 126 -8.03 -1.37 -31.15
N CYS B 127 -6.79 -1.86 -31.10
CA CYS B 127 -5.64 -0.98 -31.04
C CYS B 127 -4.97 -0.82 -32.39
N PRO B 128 -4.95 0.42 -32.90
CA PRO B 128 -4.32 0.85 -34.15
C PRO B 128 -2.95 0.21 -34.33
N PHE B 129 -2.00 0.52 -33.43
CA PHE B 129 -0.63 0.01 -33.56
C PHE B 129 -0.58 -1.52 -33.71
N THR B 130 -1.24 -2.22 -32.79
CA THR B 130 -1.20 -3.68 -32.79
C THR B 130 -1.81 -4.18 -34.09
N THR B 131 -3.05 -3.76 -34.34
CA THR B 131 -3.77 -4.04 -35.58
C THR B 131 -2.87 -3.89 -36.81
N GLU B 132 -2.19 -2.76 -36.91
CA GLU B 132 -1.28 -2.52 -38.02
C GLU B 132 -0.17 -3.57 -38.07
N ARG B 133 0.35 -3.93 -36.90
CA ARG B 133 1.52 -4.79 -36.83
C ARG B 133 1.28 -6.31 -36.91
N ILE B 134 0.10 -6.80 -36.48
CA ILE B 134 -0.11 -8.26 -36.37
C ILE B 134 0.29 -9.04 -37.62
N PRO B 135 -0.19 -8.59 -38.81
CA PRO B 135 0.18 -9.21 -40.08
C PRO B 135 1.66 -9.63 -40.14
N ASP B 136 2.55 -8.90 -39.47
CA ASP B 136 3.96 -9.26 -39.45
C ASP B 136 4.25 -10.57 -38.71
N PHE B 137 3.26 -11.07 -37.98
CA PHE B 137 3.49 -12.15 -37.02
C PHE B 137 2.53 -13.30 -37.17
N VAL B 138 1.37 -13.00 -37.74
CA VAL B 138 0.32 -13.99 -37.94
C VAL B 138 -0.05 -14.03 -39.42
N PRO B 139 0.06 -15.22 -40.05
CA PRO B 139 -0.26 -15.28 -41.46
C PRO B 139 -1.77 -15.24 -41.62
N GLN B 140 -2.19 -14.61 -42.70
CA GLN B 140 -3.60 -14.50 -43.05
C GLN B 140 -4.22 -15.88 -43.24
N GLU B 141 -3.45 -16.77 -43.84
CA GLU B 141 -3.84 -18.14 -44.13
C GLU B 141 -4.57 -18.73 -42.95
N PHE B 142 -4.06 -18.51 -41.75
CA PHE B 142 -4.62 -19.10 -40.54
C PHE B 142 -6.13 -18.90 -40.41
N PHE B 143 -6.57 -17.66 -40.60
CA PHE B 143 -7.97 -17.32 -40.38
C PHE B 143 -8.81 -17.73 -41.59
N LYS B 144 -8.20 -17.66 -42.77
CA LYS B 144 -8.76 -18.21 -44.00
C LYS B 144 -9.16 -19.68 -43.76
N ASP B 145 -8.28 -20.43 -43.10
CA ASP B 145 -8.57 -21.81 -42.68
C ASP B 145 -9.43 -21.90 -41.42
N ASN B 146 -9.32 -20.89 -40.54
CA ASN B 146 -9.99 -20.96 -39.23
C ASN B 146 -10.73 -19.68 -38.87
N PRO B 147 -11.90 -19.46 -39.47
CA PRO B 147 -12.68 -18.26 -39.22
C PRO B 147 -13.20 -18.23 -37.78
N ASN B 148 -13.50 -19.41 -37.25
CA ASN B 148 -14.10 -19.50 -35.92
C ASN B 148 -13.08 -19.33 -34.78
N LEU B 149 -11.81 -19.13 -35.13
CA LEU B 149 -10.75 -19.11 -34.11
C LEU B 149 -10.23 -17.72 -33.77
N ILE B 150 -9.85 -17.55 -32.50
CA ILE B 150 -9.09 -16.40 -32.02
C ILE B 150 -7.71 -16.85 -31.59
N LEU B 151 -6.70 -16.02 -31.84
CA LEU B 151 -5.37 -16.21 -31.27
C LEU B 151 -5.20 -15.28 -30.08
N VAL B 152 -4.66 -15.78 -28.99
CA VAL B 152 -4.30 -14.92 -27.85
C VAL B 152 -2.81 -15.07 -27.59
N GLY B 153 -2.14 -13.92 -27.47
CA GLY B 153 -0.69 -13.89 -27.32
C GLY B 153 -0.14 -12.63 -26.69
N GLU B 154 1.15 -12.65 -26.39
CA GLU B 154 1.79 -11.50 -25.78
C GLU B 154 2.61 -10.79 -26.83
N MET B 155 2.37 -9.49 -26.95
CA MET B 155 3.17 -8.63 -27.78
C MET B 155 4.26 -8.01 -26.89
N ALA B 156 5.52 -8.24 -27.21
CA ALA B 156 6.58 -7.88 -26.30
C ALA B 156 7.91 -7.55 -26.99
N GLY B 157 8.62 -6.57 -26.42
CA GLY B 157 9.90 -6.08 -26.96
C GLY B 157 10.23 -4.65 -26.55
N PRO B 158 11.45 -4.18 -26.87
CA PRO B 158 11.98 -2.87 -26.51
C PRO B 158 11.18 -1.69 -27.06
N GLU B 159 10.62 -1.82 -28.26
CA GLU B 159 9.90 -0.72 -28.86
C GLU B 159 8.38 -0.99 -28.81
N SER B 160 7.85 -0.91 -27.59
CA SER B 160 6.47 -1.25 -27.28
C SER B 160 5.67 -0.01 -26.86
N PRO B 161 4.43 0.13 -27.36
CA PRO B 161 3.52 1.18 -26.95
C PRO B 161 3.08 1.15 -25.48
N TYR B 162 3.17 0.00 -24.83
CA TYR B 162 2.67 -0.06 -23.49
C TYR B 162 3.81 -0.33 -22.51
N LEU B 163 4.01 -1.57 -22.15
CA LEU B 163 5.06 -1.92 -21.21
C LEU B 163 6.43 -1.28 -21.54
N VAL B 164 7.19 -0.93 -20.49
CA VAL B 164 8.50 -0.28 -20.61
C VAL B 164 9.58 -1.24 -21.10
N GLU B 165 9.56 -2.47 -20.56
CA GLU B 165 10.57 -3.49 -20.86
C GLU B 165 9.92 -4.71 -21.44
N GLY B 166 10.75 -5.72 -21.76
CA GLY B 166 10.27 -7.05 -22.13
C GLY B 166 11.35 -8.10 -21.93
N PRO B 167 11.21 -9.26 -22.59
CA PRO B 167 12.26 -10.30 -22.58
C PRO B 167 13.58 -9.75 -23.13
N PRO B 168 14.70 -9.97 -22.43
CA PRO B 168 15.96 -9.30 -22.79
C PRO B 168 16.52 -9.75 -24.15
N TYR B 169 15.97 -10.84 -24.69
CA TYR B 169 16.50 -11.47 -25.89
C TYR B 169 15.82 -10.97 -27.18
N VAL B 170 14.72 -10.21 -27.02
CA VAL B 170 14.11 -9.49 -28.14
C VAL B 170 14.84 -8.17 -28.29
N LYS B 171 15.67 -8.08 -29.32
CA LYS B 171 16.61 -6.97 -29.45
C LYS B 171 16.05 -5.69 -30.09
N GLU B 172 15.28 -5.82 -31.17
CA GLU B 172 14.62 -4.67 -31.86
C GLU B 172 13.14 -4.65 -31.46
N ASP B 173 12.32 -3.89 -32.19
CA ASP B 173 10.92 -3.65 -31.81
C ASP B 173 10.12 -4.90 -31.56
N ILE B 174 8.96 -4.75 -30.92
CA ILE B 174 8.04 -5.85 -30.60
C ILE B 174 8.11 -7.16 -31.39
N GLN B 175 7.67 -8.23 -30.73
CA GLN B 175 7.56 -9.55 -31.28
C GLN B 175 6.27 -10.12 -30.71
N PHE B 176 5.65 -11.08 -31.41
CA PHE B 176 4.41 -11.72 -30.93
C PHE B 176 4.65 -13.15 -30.43
N PHE B 177 4.02 -13.49 -29.31
CA PHE B 177 4.19 -14.81 -28.69
C PHE B 177 2.82 -15.42 -28.34
N LEU B 178 2.44 -16.48 -29.05
CA LEU B 178 1.16 -17.11 -28.85
C LEU B 178 1.15 -17.88 -27.51
N PHE B 179 0.01 -17.86 -26.81
CA PHE B 179 -0.13 -18.68 -25.62
C PHE B 179 -1.54 -19.23 -25.46
N ASP B 180 -2.45 -18.84 -26.32
CA ASP B 180 -3.76 -19.45 -26.33
C ASP B 180 -4.41 -19.38 -27.71
N VAL B 181 -5.20 -20.40 -28.03
CA VAL B 181 -6.12 -20.36 -29.16
C VAL B 181 -7.53 -20.66 -28.65
N GLN B 182 -8.48 -19.79 -28.96
CA GLN B 182 -9.86 -19.96 -28.51
C GLN B 182 -10.82 -19.84 -29.67
N GLU B 183 -11.93 -20.56 -29.62
CA GLU B 183 -13.01 -20.37 -30.60
C GLU B 183 -13.90 -19.21 -30.16
N ILE B 184 -14.65 -18.62 -31.10
CA ILE B 184 -15.40 -17.37 -30.82
C ILE B 184 -16.54 -17.59 -29.81
N LYS B 185 -17.69 -16.94 -29.98
CA LYS B 185 -18.78 -16.95 -28.98
C LYS B 185 -18.46 -17.63 -27.64
N THR B 186 -18.19 -18.94 -27.67
CA THR B 186 -17.85 -19.74 -26.48
C THR B 186 -16.62 -19.22 -25.70
N GLY B 187 -15.57 -18.84 -26.43
CA GLY B 187 -14.30 -18.46 -25.81
C GLY B 187 -13.57 -19.65 -25.21
N ARG B 188 -14.16 -20.83 -25.40
CA ARG B 188 -13.59 -22.09 -24.96
C ARG B 188 -12.16 -22.21 -25.51
N SER B 189 -11.28 -22.75 -24.70
CA SER B 189 -9.86 -22.81 -25.01
C SER B 189 -9.50 -24.16 -25.60
N LEU B 190 -8.74 -24.16 -26.70
CA LEU B 190 -8.29 -25.41 -27.32
C LEU B 190 -7.22 -26.04 -26.45
N PRO B 191 -7.09 -27.38 -26.49
CA PRO B 191 -6.00 -28.08 -25.78
C PRO B 191 -4.60 -27.57 -26.13
N VAL B 192 -3.67 -27.70 -25.19
CA VAL B 192 -2.29 -27.27 -25.40
C VAL B 192 -1.66 -27.87 -26.67
N GLU B 193 -1.79 -29.19 -26.84
CA GLU B 193 -1.19 -29.92 -27.96
C GLU B 193 -1.71 -29.39 -29.28
N GLU B 194 -3.02 -29.15 -29.33
CA GLU B 194 -3.69 -28.64 -30.50
C GLU B 194 -3.14 -27.26 -30.89
N ARG B 195 -2.97 -26.39 -29.89
CA ARG B 195 -2.43 -25.05 -30.08
C ARG B 195 -0.98 -25.08 -30.55
N LEU B 196 -0.20 -26.02 -30.02
CA LEU B 196 1.17 -26.16 -30.43
C LEU B 196 1.29 -26.59 -31.89
N LYS B 197 0.34 -27.39 -32.38
CA LYS B 197 0.37 -27.82 -33.78
C LYS B 197 0.05 -26.64 -34.67
N ILE B 198 -1.07 -25.98 -34.38
CA ILE B 198 -1.42 -24.72 -35.04
C ILE B 198 -0.21 -23.81 -35.16
N ALA B 199 0.44 -23.51 -34.03
CA ALA B 199 1.63 -22.67 -33.99
C ALA B 199 2.68 -23.13 -34.99
N GLU B 200 2.88 -24.44 -35.08
CA GLU B 200 3.89 -24.99 -35.97
C GLU B 200 3.41 -25.05 -37.40
N GLU B 201 2.14 -25.45 -37.59
CA GLU B 201 1.52 -25.48 -38.92
C GLU B 201 1.70 -24.13 -39.61
N TYR B 202 1.32 -23.05 -38.92
CA TYR B 202 1.22 -21.74 -39.54
C TYR B 202 2.44 -20.85 -39.34
N GLY B 203 3.40 -21.32 -38.56
CA GLY B 203 4.63 -20.56 -38.28
C GLY B 203 4.42 -19.35 -37.38
N ILE B 204 3.37 -19.38 -36.56
CA ILE B 204 3.14 -18.35 -35.56
C ILE B 204 4.13 -18.54 -34.41
N ASN B 205 4.82 -17.48 -34.03
CA ASN B 205 5.73 -17.59 -32.92
C ASN B 205 5.01 -17.79 -31.60
N HIS B 206 5.54 -18.68 -30.77
CA HIS B 206 4.85 -19.16 -29.59
C HIS B 206 5.74 -18.95 -28.37
N VAL B 207 5.12 -18.72 -27.22
CA VAL B 207 5.82 -18.71 -25.92
C VAL B 207 6.63 -19.99 -25.77
N GLU B 208 7.84 -19.88 -25.24
CA GLU B 208 8.66 -21.05 -24.99
C GLU B 208 7.90 -22.06 -24.12
N VAL B 209 8.02 -23.34 -24.46
CA VAL B 209 7.36 -24.39 -23.71
C VAL B 209 8.45 -25.23 -23.13
N PHE B 210 8.62 -25.19 -21.82
CA PHE B 210 9.76 -25.87 -21.19
C PHE B 210 9.55 -27.37 -21.03
N GLY B 211 8.29 -27.80 -21.02
CA GLY B 211 7.99 -29.21 -20.98
C GLY B 211 6.73 -29.56 -20.24
N LYS B 212 6.54 -30.87 -20.05
CA LYS B 212 5.47 -31.38 -19.21
C LYS B 212 6.10 -31.87 -17.92
N TYR B 213 5.47 -31.48 -16.81
CA TYR B 213 5.98 -31.78 -15.47
C TYR B 213 4.85 -32.29 -14.56
N THR B 214 5.25 -32.83 -13.41
CA THR B 214 4.34 -33.21 -12.34
C THR B 214 4.77 -32.50 -11.05
N LYS B 215 3.90 -32.51 -10.05
CA LYS B 215 4.27 -32.06 -8.71
C LYS B 215 5.59 -32.64 -8.24
N ASP B 216 5.98 -33.79 -8.78
CA ASP B 216 7.27 -34.41 -8.44
C ASP B 216 8.51 -33.71 -9.03
N ASP B 217 8.29 -32.67 -9.83
CA ASP B 217 9.37 -31.99 -10.55
C ASP B 217 9.74 -30.61 -10.00
N VAL B 218 9.28 -30.35 -8.77
CA VAL B 218 9.44 -29.06 -8.14
C VAL B 218 10.90 -28.64 -8.01
N ASP B 219 11.79 -29.59 -7.77
CA ASP B 219 13.21 -29.25 -7.71
C ASP B 219 13.74 -28.67 -9.03
N GLU B 220 13.55 -29.36 -10.14
CA GLU B 220 14.08 -28.81 -11.39
C GLU B 220 13.32 -27.56 -11.82
N LEU B 221 12.05 -27.48 -11.47
CA LEU B 221 11.30 -26.24 -11.62
C LEU B 221 11.87 -25.08 -10.81
N TYR B 222 12.39 -25.36 -9.61
CA TYR B 222 13.09 -24.33 -8.83
C TYR B 222 14.27 -23.84 -9.62
N GLN B 223 14.97 -24.78 -10.22
CA GLN B 223 16.14 -24.49 -11.00
C GLN B 223 15.79 -23.62 -12.21
N LEU B 224 14.59 -23.83 -12.76
CA LEU B 224 14.14 -23.07 -13.91
C LEU B 224 13.87 -21.63 -13.51
N ILE B 225 13.06 -21.48 -12.47
CA ILE B 225 12.77 -20.17 -11.91
C ILE B 225 14.09 -19.46 -11.56
N GLU B 226 15.08 -20.22 -11.12
CA GLU B 226 16.37 -19.63 -10.81
C GLU B 226 17.00 -19.01 -12.06
N ARG B 227 17.08 -19.78 -13.14
CA ARG B 227 17.72 -19.32 -14.35
C ARG B 227 16.99 -18.11 -14.94
N LEU B 228 15.70 -18.28 -15.20
CA LEU B 228 14.87 -17.19 -15.71
C LEU B 228 15.09 -15.91 -14.91
N SER B 229 15.23 -16.04 -13.59
CA SER B 229 15.40 -14.86 -12.74
C SER B 229 16.78 -14.24 -12.90
N LYS B 230 17.80 -15.08 -13.00
CA LYS B 230 19.14 -14.59 -13.26
C LYS B 230 19.21 -13.89 -14.63
N GLU B 231 18.28 -14.23 -15.51
CA GLU B 231 18.27 -13.72 -16.88
C GLU B 231 17.37 -12.49 -17.01
N GLY B 232 16.75 -12.09 -15.91
CA GLY B 232 15.81 -10.98 -15.91
C GLY B 232 14.53 -11.29 -16.68
N ARG B 233 13.96 -12.47 -16.46
CA ARG B 233 12.72 -12.85 -17.15
C ARG B 233 11.55 -13.03 -16.19
N GLU B 234 10.33 -12.87 -16.70
CA GLU B 234 9.13 -12.73 -15.87
C GLU B 234 8.84 -13.93 -14.93
N GLY B 235 8.75 -15.12 -15.51
CA GLY B 235 8.37 -16.30 -14.74
C GLY B 235 7.70 -17.30 -15.66
N ILE B 236 6.71 -18.00 -15.13
CA ILE B 236 6.09 -19.12 -15.83
C ILE B 236 4.59 -19.18 -15.67
N ILE B 237 3.95 -19.81 -16.65
CA ILE B 237 2.56 -20.20 -16.51
C ILE B 237 2.48 -21.71 -16.55
N MET B 238 1.68 -22.26 -15.64
CA MET B 238 1.43 -23.68 -15.62
C MET B 238 0.02 -23.98 -16.16
N LYS B 239 -0.06 -24.93 -17.10
CA LYS B 239 -1.33 -25.27 -17.75
C LYS B 239 -1.60 -26.78 -17.81
N SER B 240 -2.79 -27.19 -17.37
CA SER B 240 -3.26 -28.55 -17.63
C SER B 240 -3.43 -28.67 -19.17
N PRO B 241 -3.17 -29.86 -19.73
CA PRO B 241 -3.22 -30.03 -21.19
C PRO B 241 -4.58 -29.70 -21.80
N ASP B 242 -5.63 -29.81 -20.99
CA ASP B 242 -6.99 -29.51 -21.43
C ASP B 242 -7.31 -28.05 -21.15
N MET B 243 -6.27 -27.28 -20.85
CA MET B 243 -6.36 -25.82 -20.56
C MET B 243 -7.35 -25.44 -19.46
N LYS B 244 -7.74 -26.39 -18.63
CA LYS B 244 -8.67 -26.09 -17.54
C LYS B 244 -8.00 -25.58 -16.26
N LYS B 245 -6.79 -26.04 -15.97
CA LYS B 245 -6.04 -25.54 -14.81
C LYS B 245 -4.91 -24.61 -15.24
N ILE B 246 -4.97 -23.36 -14.79
CA ILE B 246 -3.98 -22.35 -15.17
C ILE B 246 -3.53 -21.45 -14.00
N VAL B 247 -2.22 -21.43 -13.75
CA VAL B 247 -1.65 -20.60 -12.67
C VAL B 247 -0.35 -19.92 -13.05
N LYS B 248 -0.20 -18.66 -12.61
CA LYS B 248 1.03 -17.88 -12.83
C LYS B 248 1.99 -17.88 -11.62
N TYR B 249 3.27 -17.88 -11.92
CA TYR B 249 4.28 -17.75 -10.90
C TYR B 249 5.40 -16.94 -11.47
N VAL B 250 5.64 -15.77 -10.86
CA VAL B 250 6.69 -14.85 -11.31
C VAL B 250 8.01 -15.00 -10.54
N THR B 251 9.09 -14.64 -11.19
CA THR B 251 10.43 -14.72 -10.63
C THR B 251 10.67 -13.71 -9.51
N PRO B 252 11.72 -13.91 -8.69
CA PRO B 252 12.13 -12.82 -7.78
C PRO B 252 12.41 -11.57 -8.61
N TYR B 253 13.10 -11.75 -9.73
CA TYR B 253 13.50 -10.63 -10.56
C TYR B 253 12.29 -9.78 -10.96
N ALA B 254 11.21 -10.41 -11.38
CA ALA B 254 10.06 -9.65 -11.82
C ALA B 254 9.57 -8.77 -10.69
N ASN B 255 9.58 -9.34 -9.48
CA ASN B 255 9.11 -8.62 -8.31
C ASN B 255 9.95 -7.39 -7.95
N ILE B 256 11.26 -7.58 -7.80
CA ILE B 256 12.17 -6.48 -7.57
C ILE B 256 12.09 -5.48 -8.72
N ASN B 257 12.14 -5.97 -9.96
CA ASN B 257 12.16 -5.05 -11.09
C ASN B 257 10.89 -4.25 -11.25
N ASP B 258 9.75 -4.90 -11.02
CA ASP B 258 8.47 -4.21 -11.06
C ASP B 258 8.47 -3.04 -10.08
N ILE B 259 9.14 -3.25 -8.94
CA ILE B 259 9.27 -2.25 -7.90
C ILE B 259 10.21 -1.14 -8.36
N LYS B 260 11.37 -1.51 -8.89
CA LYS B 260 12.29 -0.51 -9.47
C LYS B 260 11.57 0.39 -10.51
N ILE B 261 10.87 -0.23 -11.47
CA ILE B 261 10.14 0.51 -12.50
C ILE B 261 9.13 1.48 -11.90
N GLY B 262 8.40 1.00 -10.90
CA GLY B 262 7.27 1.74 -10.37
C GLY B 262 7.63 2.77 -9.34
N ALA B 263 8.80 2.60 -8.72
CA ALA B 263 9.27 3.55 -7.70
C ALA B 263 9.55 4.93 -8.30
N ARG B 264 9.90 4.95 -9.58
CA ARG B 264 10.20 6.18 -10.27
C ARG B 264 8.95 7.01 -10.41
N VAL B 265 7.80 6.34 -10.45
CA VAL B 265 6.50 6.99 -10.54
C VAL B 265 5.67 6.65 -9.32
N PHE B 266 6.36 6.42 -8.21
CA PHE B 266 5.72 6.02 -6.97
C PHE B 266 4.28 6.53 -6.80
N TYR B 267 4.06 7.84 -6.93
CA TYR B 267 2.72 8.35 -6.62
C TYR B 267 1.70 8.15 -7.71
N GLU B 268 2.12 7.55 -8.83
CA GLU B 268 1.20 7.16 -9.89
C GLU B 268 0.54 5.83 -9.60
N LEU B 269 0.98 5.13 -8.57
CA LEU B 269 0.56 3.75 -8.33
C LEU B 269 -0.10 3.55 -6.98
N PRO B 270 -1.04 2.59 -6.87
CA PRO B 270 -1.64 2.26 -5.58
C PRO B 270 -0.61 1.60 -4.66
N PRO B 271 -0.66 1.87 -3.33
CA PRO B 271 0.35 1.29 -2.41
C PRO B 271 0.46 -0.23 -2.55
N GLY B 272 -0.66 -0.88 -2.83
CA GLY B 272 -0.73 -2.34 -3.04
C GLY B 272 0.18 -2.87 -4.13
N TYR B 273 0.48 -2.02 -5.11
CA TYR B 273 1.43 -2.35 -6.13
C TYR B 273 2.74 -2.77 -5.50
N PHE B 274 3.19 -2.01 -4.50
CA PHE B 274 4.45 -2.26 -3.84
C PHE B 274 4.42 -3.39 -2.83
N THR B 275 3.39 -3.40 -1.99
CA THR B 275 3.34 -4.36 -0.88
C THR B 275 3.16 -5.79 -1.42
N SER B 276 2.27 -5.93 -2.39
CA SER B 276 2.05 -7.23 -3.04
C SER B 276 3.40 -7.84 -3.44
N ARG B 277 4.24 -7.07 -4.11
CA ARG B 277 5.50 -7.59 -4.59
C ARG B 277 6.53 -7.80 -3.48
N ILE B 278 6.36 -7.09 -2.39
CA ILE B 278 7.16 -7.31 -1.20
C ILE B 278 6.80 -8.68 -0.61
N SER B 279 5.50 -8.96 -0.51
CA SER B 279 4.99 -10.27 -0.14
C SER B 279 5.65 -11.38 -0.92
N ARG B 280 5.46 -11.34 -2.24
CA ARG B 280 5.94 -12.33 -3.16
C ARG B 280 7.43 -12.60 -2.99
N LEU B 281 8.17 -11.59 -2.56
CA LEU B 281 9.57 -11.78 -2.25
C LEU B 281 9.77 -12.51 -0.95
N ALA B 282 9.04 -12.08 0.09
CA ALA B 282 9.13 -12.73 1.38
C ALA B 282 8.87 -14.23 1.23
N PHE B 283 7.76 -14.56 0.58
CA PHE B 283 7.40 -15.95 0.35
C PHE B 283 8.47 -16.75 -0.42
N TYR B 284 9.01 -16.15 -1.48
CA TYR B 284 10.10 -16.81 -2.19
C TYR B 284 11.19 -17.12 -1.17
N LEU B 285 11.61 -16.09 -0.42
CA LEU B 285 12.74 -16.24 0.50
C LEU B 285 12.47 -17.29 1.57
N ALA B 286 11.22 -17.32 2.05
CA ALA B 286 10.79 -18.33 2.98
C ALA B 286 10.87 -19.71 2.32
N GLU B 287 10.19 -19.88 1.19
CA GLU B 287 10.13 -21.17 0.53
C GLU B 287 11.52 -21.75 0.22
N LYS B 288 12.43 -20.96 -0.32
CA LYS B 288 13.76 -21.49 -0.62
C LYS B 288 14.67 -21.50 0.61
N ARG B 289 14.14 -21.06 1.75
CA ARG B 289 14.91 -20.95 3.01
C ARG B 289 16.24 -20.28 2.75
N ILE B 290 16.19 -19.16 2.05
CA ILE B 290 17.41 -18.41 1.75
C ILE B 290 17.80 -17.66 3.02
N LYS B 291 19.09 -17.62 3.30
CA LYS B 291 19.56 -17.00 4.52
C LYS B 291 20.97 -16.40 4.35
N GLY B 292 21.57 -16.00 5.46
CA GLY B 292 22.91 -15.42 5.44
C GLY B 292 23.03 -14.34 4.38
N GLU B 293 24.17 -14.34 3.68
CA GLU B 293 24.54 -13.26 2.77
C GLU B 293 23.64 -13.15 1.56
N GLU B 294 23.14 -14.29 1.10
CA GLU B 294 22.23 -14.25 -0.03
C GLU B 294 20.98 -13.48 0.35
N PHE B 295 20.57 -13.60 1.61
CA PHE B 295 19.41 -12.88 2.10
C PHE B 295 19.71 -11.39 2.14
N GLU B 296 20.91 -11.05 2.62
CA GLU B 296 21.30 -9.66 2.72
C GLU B 296 21.22 -9.00 1.35
N ARG B 297 21.80 -9.69 0.36
CA ARG B 297 21.83 -9.24 -1.02
C ARG B 297 20.44 -8.90 -1.53
N VAL B 298 19.49 -9.76 -1.23
CA VAL B 298 18.12 -9.54 -1.68
C VAL B 298 17.50 -8.35 -0.96
N ALA B 299 17.68 -8.28 0.36
CA ALA B 299 17.20 -7.15 1.16
C ALA B 299 17.72 -5.84 0.61
N LYS B 300 19.01 -5.79 0.27
CA LYS B 300 19.63 -4.59 -0.26
C LYS B 300 19.02 -4.21 -1.60
N GLU B 301 18.78 -5.21 -2.43
CA GLU B 301 18.12 -5.01 -3.72
C GLU B 301 16.68 -4.56 -3.61
N LEU B 302 15.97 -5.03 -2.59
CA LEU B 302 14.64 -4.49 -2.32
C LEU B 302 14.72 -3.02 -1.92
N GLY B 303 15.75 -2.68 -1.14
CA GLY B 303 15.91 -1.33 -0.68
C GLY B 303 16.19 -0.39 -1.82
N SER B 304 17.11 -0.77 -2.69
CA SER B 304 17.48 0.10 -3.77
C SER B 304 16.34 0.20 -4.76
N ALA B 305 15.65 -0.89 -5.02
CA ALA B 305 14.57 -0.81 -5.97
C ALA B 305 13.47 0.14 -5.48
N LEU B 306 13.29 0.23 -4.16
CA LEU B 306 12.27 1.10 -3.56
C LEU B 306 12.73 2.56 -3.46
N LEU B 307 14.01 2.76 -3.21
CA LEU B 307 14.50 4.08 -2.85
C LEU B 307 15.12 4.91 -4.00
N GLN B 308 16.12 4.32 -4.67
CA GLN B 308 16.84 5.02 -5.72
C GLN B 308 15.98 5.64 -6.84
N PRO B 309 15.13 4.85 -7.52
CA PRO B 309 14.32 5.53 -8.51
C PRO B 309 13.52 6.67 -7.90
N PHE B 310 12.92 6.46 -6.73
CA PHE B 310 12.12 7.48 -5.99
C PHE B 310 12.94 8.75 -5.77
N VAL B 311 14.16 8.57 -5.26
CA VAL B 311 15.02 9.69 -4.92
C VAL B 311 15.47 10.41 -6.19
N GLU B 312 15.80 9.66 -7.23
CA GLU B 312 16.13 10.28 -8.52
C GLU B 312 14.97 11.10 -9.09
N SER B 313 13.76 10.59 -8.95
CA SER B 313 12.60 11.35 -9.34
C SER B 313 12.46 12.61 -8.53
N ILE B 314 12.89 12.56 -7.27
CA ILE B 314 12.81 13.72 -6.40
C ILE B 314 13.81 14.78 -6.85
N PHE B 315 15.08 14.40 -7.02
CA PHE B 315 16.10 15.29 -7.60
C PHE B 315 15.61 15.93 -8.89
N ASP B 316 14.88 15.16 -9.70
CA ASP B 316 14.36 15.63 -10.98
C ASP B 316 13.31 16.73 -10.85
N VAL B 317 12.22 16.44 -10.15
CA VAL B 317 11.22 17.43 -9.85
C VAL B 317 11.90 18.68 -9.26
N GLU B 318 12.94 18.44 -8.46
CA GLU B 318 13.68 19.51 -7.83
C GLU B 318 14.45 20.35 -8.82
N GLN B 319 15.07 19.72 -9.83
CA GLN B 319 15.74 20.46 -10.91
C GLN B 319 14.73 21.07 -11.87
N GLU B 320 13.48 21.15 -11.40
CA GLU B 320 12.38 21.72 -12.17
C GLU B 320 11.97 20.93 -13.41
N GLU B 321 12.70 19.84 -13.69
CA GLU B 321 12.34 18.90 -14.76
C GLU B 321 11.04 18.15 -14.41
N ASP B 322 10.40 17.58 -15.41
CA ASP B 322 9.17 16.80 -15.22
C ASP B 322 9.50 15.33 -15.13
N ILE B 323 8.59 14.56 -14.54
CA ILE B 323 8.73 13.11 -14.57
C ILE B 323 8.08 12.61 -15.85
N HIS B 324 8.91 12.06 -16.72
CA HIS B 324 8.48 11.63 -18.03
C HIS B 324 9.30 10.42 -18.42
N GLU B 325 8.87 9.71 -19.46
CA GLU B 325 9.79 8.81 -20.15
C GLU B 325 9.54 8.85 -21.64
N LEU B 326 10.62 8.64 -22.39
CA LEU B 326 10.56 8.55 -23.84
C LEU B 326 10.57 7.09 -24.25
N PHE B 327 9.60 6.69 -25.05
CA PHE B 327 9.56 5.32 -25.56
C PHE B 327 9.31 5.29 -27.06
N LYS B 328 9.81 4.26 -27.74
CA LYS B 328 9.72 4.18 -29.21
C LYS B 328 8.84 3.06 -29.78
N VAL B 329 8.29 3.28 -30.96
CA VAL B 329 7.57 2.23 -31.67
C VAL B 329 7.87 2.36 -33.15
N ARG B 330 7.72 1.27 -33.90
CA ARG B 330 7.87 1.32 -35.34
C ARG B 330 6.50 1.18 -35.96
N VAL B 331 6.24 1.95 -37.01
CA VAL B 331 4.99 1.82 -37.74
C VAL B 331 5.20 1.74 -39.22
N LYS B 332 4.27 1.10 -39.91
CA LYS B 332 4.20 1.13 -41.36
C LYS B 332 3.69 2.50 -41.78
N ARG B 333 2.54 2.89 -41.24
CA ARG B 333 1.81 4.06 -41.70
C ARG B 333 1.78 5.19 -40.65
N ILE B 334 2.54 6.24 -40.91
CA ILE B 334 2.67 7.42 -40.04
C ILE B 334 1.38 7.96 -39.43
N GLU B 335 0.26 7.83 -40.13
CA GLU B 335 -1.03 8.30 -39.64
C GLU B 335 -1.58 7.46 -38.51
N THR B 336 -1.07 6.24 -38.37
CA THR B 336 -1.45 5.39 -37.23
C THR B 336 -0.77 5.85 -35.95
N ALA B 337 0.37 6.52 -36.08
CA ALA B 337 1.01 7.14 -34.94
C ALA B 337 0.04 8.14 -34.31
N TYR B 338 -0.51 9.01 -35.16
CA TYR B 338 -1.51 9.99 -34.73
C TYR B 338 -2.72 9.29 -34.15
N LYS B 339 -3.10 8.18 -34.79
CA LYS B 339 -4.21 7.36 -34.33
C LYS B 339 -3.96 6.84 -32.93
N MET B 340 -2.69 6.55 -32.64
CA MET B 340 -2.30 6.10 -31.30
C MET B 340 -2.55 7.19 -30.27
N VAL B 341 -2.11 8.41 -30.58
CA VAL B 341 -2.27 9.53 -29.64
C VAL B 341 -3.72 9.67 -29.23
N THR B 342 -4.63 9.48 -30.19
CA THR B 342 -6.05 9.54 -29.91
C THR B 342 -6.48 8.34 -29.07
N HIS B 343 -5.93 7.16 -29.38
CA HIS B 343 -6.24 5.93 -28.65
C HIS B 343 -5.72 6.03 -27.22
N PHE B 344 -4.49 6.50 -27.07
CA PHE B 344 -3.91 6.78 -25.77
C PHE B 344 -4.78 7.73 -24.99
N GLU B 345 -5.20 8.82 -25.62
CA GLU B 345 -6.14 9.78 -25.02
C GLU B 345 -7.34 9.11 -24.37
N LYS B 346 -7.80 7.99 -24.92
CA LYS B 346 -8.89 7.22 -24.30
C LYS B 346 -8.47 6.60 -22.96
N LEU B 347 -7.27 6.96 -22.51
CA LEU B 347 -6.69 6.43 -21.28
C LEU B 347 -5.71 7.50 -20.72
N GLY B 348 -4.46 7.47 -21.16
CA GLY B 348 -3.42 8.43 -20.74
C GLY B 348 -3.20 9.61 -21.68
N LEU B 349 -2.06 10.29 -21.51
CA LEU B 349 -1.74 11.54 -22.22
C LEU B 349 -0.29 11.52 -22.73
N LYS B 350 -0.15 11.37 -24.06
CA LYS B 350 1.17 11.24 -24.70
C LYS B 350 1.29 12.15 -25.92
N ILE B 351 2.50 12.64 -26.20
CA ILE B 351 2.75 13.42 -27.42
C ILE B 351 3.94 12.91 -28.20
N GLU B 352 3.96 13.22 -29.50
CA GLU B 352 5.04 12.84 -30.44
C GLU B 352 6.25 13.74 -30.28
N ILE B 353 7.43 13.19 -30.57
CA ILE B 353 8.66 13.93 -30.30
C ILE B 353 9.62 13.90 -31.49
N VAL B 354 9.84 12.72 -32.08
CA VAL B 354 10.65 12.58 -33.30
C VAL B 354 10.12 11.47 -34.19
N ASP B 355 10.12 11.72 -35.50
CA ASP B 355 9.95 10.69 -36.52
C ASP B 355 11.27 10.46 -37.21
N ILE B 356 11.74 9.22 -37.14
CA ILE B 356 12.85 8.78 -37.96
C ILE B 356 12.15 7.97 -39.02
N GLU B 357 12.00 8.54 -40.21
CA GLU B 357 11.54 7.81 -41.37
C GLU B 357 12.63 6.82 -41.72
N GLU B 358 13.87 7.17 -41.34
CA GLU B 358 15.07 6.39 -41.65
C GLU B 358 14.95 4.90 -41.27
N ILE B 359 13.74 4.37 -41.37
CA ILE B 359 13.46 2.98 -41.11
C ILE B 359 12.89 2.38 -42.38
N LYS B 360 13.53 1.32 -42.87
CA LYS B 360 12.98 0.51 -43.95
C LYS B 360 11.51 0.23 -43.65
N ASP B 361 10.68 0.31 -44.69
CA ASP B 361 9.27 -0.04 -44.57
C ASP B 361 8.53 0.74 -43.48
N GLY B 362 9.11 1.86 -43.05
CA GLY B 362 8.38 2.75 -42.17
C GLY B 362 9.18 3.74 -41.35
N TRP B 363 8.65 4.02 -40.16
CA TRP B 363 9.13 5.10 -39.30
C TRP B 363 9.26 4.64 -37.86
N ARG B 364 10.38 5.00 -37.22
CA ARG B 364 10.53 4.86 -35.79
C ARG B 364 10.02 6.14 -35.16
N ILE B 365 9.04 5.99 -34.28
CA ILE B 365 8.40 7.12 -33.65
C ILE B 365 8.72 7.17 -32.15
N THR B 366 9.24 8.31 -31.70
CA THR B 366 9.49 8.53 -30.27
C THR B 366 8.32 9.25 -29.61
N PHE B 367 7.69 8.61 -28.63
CA PHE B 367 6.64 9.24 -27.86
C PHE B 367 7.13 9.78 -26.51
N LYS B 368 6.36 10.68 -25.91
CA LYS B 368 6.64 11.17 -24.57
C LYS B 368 5.43 10.94 -23.68
N ARG B 369 5.64 10.21 -22.58
CA ARG B 369 4.62 10.12 -21.55
C ARG B 369 4.98 10.96 -20.35
N LEU B 370 3.99 11.70 -19.87
CA LEU B 370 4.17 12.53 -18.70
C LEU B 370 3.50 11.90 -17.51
N TYR B 371 4.03 12.19 -16.33
CA TYR B 371 3.43 11.73 -15.09
C TYR B 371 3.12 12.94 -14.22
N PRO B 372 1.90 13.46 -14.38
CA PRO B 372 1.55 14.70 -13.70
C PRO B 372 1.45 14.48 -12.18
N ASP B 373 0.70 13.47 -11.77
CA ASP B 373 0.50 13.18 -10.34
C ASP B 373 1.80 12.94 -9.59
N ALA B 374 2.64 12.06 -10.11
CA ALA B 374 3.94 11.85 -9.50
C ALA B 374 4.70 13.16 -9.34
N THR B 375 4.70 13.97 -10.40
CA THR B 375 5.44 15.23 -10.43
C THR B 375 4.86 16.28 -9.46
N ASN B 376 3.54 16.33 -9.38
CA ASN B 376 2.85 17.31 -8.54
C ASN B 376 2.94 17.02 -7.06
N GLU B 377 2.73 15.74 -6.69
CA GLU B 377 2.89 15.31 -5.31
C GLU B 377 4.29 15.51 -4.77
N ILE B 378 5.30 15.08 -5.52
CA ILE B 378 6.67 15.32 -5.11
C ILE B 378 6.93 16.82 -5.00
N ARG B 379 6.43 17.58 -5.97
CA ARG B 379 6.58 19.04 -5.99
C ARG B 379 6.09 19.67 -4.67
N GLU B 380 4.80 19.45 -4.37
CA GLU B 380 4.19 19.96 -3.16
C GLU B 380 4.97 19.56 -1.90
N LEU B 381 5.36 18.28 -1.86
CA LEU B 381 6.04 17.72 -0.69
C LEU B 381 7.39 18.35 -0.43
N ILE B 382 8.28 18.33 -1.41
CA ILE B 382 9.57 19.05 -1.30
C ILE B 382 9.36 20.57 -1.11
N GLY B 383 8.20 21.07 -1.57
CA GLY B 383 7.81 22.46 -1.32
C GLY B 383 7.44 22.71 0.12
N GLY B 384 7.51 21.67 0.94
CA GLY B 384 7.27 21.81 2.36
C GLY B 384 5.81 21.70 2.77
N LYS B 385 4.99 21.04 1.95
CA LYS B 385 3.58 20.88 2.33
C LYS B 385 3.46 20.15 3.67
N ALA B 386 2.58 20.66 4.54
CA ALA B 386 2.18 19.96 5.76
C ALA B 386 0.83 19.34 5.51
N PHE B 387 0.65 18.10 5.95
CA PHE B 387 -0.59 17.36 5.69
C PHE B 387 -0.90 16.35 6.80
N VAL B 388 -2.12 15.83 6.81
CA VAL B 388 -2.49 14.76 7.74
C VAL B 388 -2.35 13.41 7.04
N ASP B 389 -2.10 12.37 7.83
CA ASP B 389 -1.79 11.05 7.29
C ASP B 389 -3.04 10.33 6.82
PG ANP C . -2.68 12.31 13.90
O1G ANP C . -2.38 11.88 12.48
O2G ANP C . -1.67 13.28 14.47
O3G ANP C . -4.13 12.68 14.14
PB ANP C . -1.08 9.98 14.89
O1B ANP C . -1.15 8.99 16.03
O2B ANP C . -0.77 9.51 13.47
N3B ANP C . -2.59 10.84 14.82
PA ANP C . 1.61 10.66 15.32
O1A ANP C . 2.09 10.62 13.89
O2A ANP C . 1.79 9.46 16.20
O3A ANP C . 0.05 11.05 15.31
O5' ANP C . 2.20 11.94 16.08
C5' ANP C . 1.38 12.84 16.82
C4' ANP C . 1.15 12.21 18.17
O4' ANP C . 2.38 12.11 18.88
C3' ANP C . 0.17 12.96 19.06
O3' ANP C . -1.14 12.43 18.85
C2' ANP C . 0.67 12.66 20.45
O2' ANP C . 0.00 11.52 21.00
C1' ANP C . 2.13 12.26 20.28
N9 ANP C . 3.16 13.21 20.76
C8 ANP C . 4.36 12.78 21.20
N7 ANP C . 5.16 13.81 21.57
C5 ANP C . 4.46 14.94 21.37
C6 ANP C . 4.73 16.39 21.57
N6 ANP C . 5.93 16.79 22.06
N1 ANP C . 3.76 17.27 21.24
C2 ANP C . 2.59 16.82 20.74
N3 ANP C . 2.27 15.52 20.54
C4 ANP C . 3.15 14.54 20.83
C1 MPD D . 19.77 -13.92 8.34
C2 MPD D . 18.28 -14.18 8.17
O2 MPD D . 18.14 -15.16 7.10
CM MPD D . 17.62 -12.86 7.75
C3 MPD D . 17.65 -14.72 9.46
C4 MPD D . 16.37 -15.56 9.29
O4 MPD D . 15.74 -15.28 8.05
C5 MPD D . 16.63 -17.06 9.43
C1 MPD E . 1.45 -4.30 15.39
C2 MPD E . 0.37 -3.25 15.60
O2 MPD E . 0.78 -2.10 14.81
CM MPD E . 0.39 -2.88 17.09
C3 MPD E . -1.02 -3.77 15.16
C4 MPD E . -2.11 -2.74 14.82
O4 MPD E . -2.75 -3.06 13.60
C5 MPD E . -3.21 -2.62 15.87
PG ANP F . -4.88 -11.04 -14.40
O1G ANP F . -4.44 -10.90 -12.97
O2G ANP F . -4.31 -12.28 -15.06
O3G ANP F . -6.35 -10.84 -14.65
PB ANP F . -2.50 -9.34 -15.28
O1B ANP F . -2.17 -8.91 -16.71
O2B ANP F . -2.11 -8.39 -14.16
N3B ANP F . -4.23 -9.64 -15.21
PA ANP F . -0.17 -10.80 -15.18
O1A ANP F . 0.49 -10.95 -13.83
O2A ANP F . 0.26 -9.76 -16.18
O3A ANP F . -1.74 -10.72 -14.97
O5' ANP F . -0.09 -12.23 -15.90
C5' ANP F . -1.16 -12.75 -16.66
C4' ANP F . -0.84 -12.31 -18.08
O4' ANP F . 0.48 -12.72 -18.49
C3' ANP F . -1.81 -12.83 -19.11
O3' ANP F . -2.97 -12.01 -19.08
C2' ANP F . -1.00 -12.72 -20.39
O2' ANP F . -1.20 -11.43 -20.93
C1' ANP F . 0.45 -12.78 -19.93
N9 ANP F . 1.18 -13.99 -20.38
C8 ANP F . 2.50 -14.00 -20.70
N7 ANP F . 2.92 -15.24 -21.07
C5 ANP F . 1.84 -16.05 -20.98
C6 ANP F . 1.60 -17.49 -21.22
N6 ANP F . 2.62 -18.27 -21.65
N1 ANP F . 0.37 -17.97 -21.03
C2 ANP F . -0.63 -17.17 -20.61
N3 ANP F . -0.50 -15.84 -20.37
C4 ANP F . 0.70 -15.24 -20.54
C1 MPD G . 9.39 15.53 -35.62
C2 MPD G . 8.44 16.71 -35.42
O2 MPD G . 7.47 16.70 -36.51
CM MPD G . 9.24 18.00 -35.51
C3 MPD G . 7.69 16.60 -34.08
C4 MPD G . 6.32 17.31 -34.01
O4 MPD G . 5.59 17.13 -35.20
C5 MPD G . 5.47 16.80 -32.85
C1 MPD H . 5.89 2.53 -16.08
C2 MPD H . 4.64 1.66 -15.98
O2 MPD H . 4.51 1.16 -14.62
CM MPD H . 4.78 0.44 -16.91
C3 MPD H . 3.44 2.52 -16.39
C4 MPD H . 2.45 2.90 -15.28
O4 MPD H . 2.14 1.78 -14.48
C5 MPD H . 2.95 4.04 -14.41
C1 MPD I . -1.17 12.56 1.91
C2 MPD I . -0.23 11.93 0.88
O2 MPD I . 0.49 13.02 0.24
CM MPD I . -1.01 11.19 -0.21
C3 MPD I . 0.76 10.99 1.61
C4 MPD I . 1.73 10.26 0.67
O4 MPD I . 2.63 11.22 0.16
C5 MPD I . 2.49 9.11 1.32
C1 MRD J . 10.01 -2.55 -38.80
C2 MRD J . 8.91 -1.94 -39.67
O2 MRD J . 9.27 -2.22 -41.04
CM MRD J . 8.85 -0.43 -39.54
C3 MRD J . 7.52 -2.45 -39.31
C4 MRD J . 6.97 -3.59 -40.19
O4 MRD J . 7.81 -4.73 -40.12
C5 MRD J . 6.76 -3.18 -41.64
C1 MRD K . 17.45 -10.82 -5.91
C2 MRD K . 17.83 -11.50 -7.22
O2 MRD K . 19.28 -11.68 -7.17
CM MRD K . 17.47 -10.62 -8.42
C3 MRD K . 17.12 -12.85 -7.31
C4 MRD K . 17.96 -13.93 -7.99
O4 MRD K . 17.63 -13.96 -9.37
C5 MRD K . 17.77 -15.29 -7.32
#